data_7BRI
#
_entry.id   7BRI
#
_cell.length_a   99.597
_cell.length_b   99.597
_cell.length_c   262.467
_cell.angle_alpha   90.00
_cell.angle_beta   90.00
_cell.angle_gamma   120.00
#
_symmetry.space_group_name_H-M   'P 61'
#
loop_
_entity.id
_entity.type
_entity.pdbx_description
1 polymer 'Atrial natriuretic peptide receptor 1'
2 polymer 'Natriuretic peptide DNP'
3 branched alpha-D-mannopyranose-(1-4)-2-acetamido-2-deoxy-beta-D-glucopyranose-(1-4)-2-acetamido-2-deoxy-beta-D-glucopyranose
4 branched alpha-D-mannopyranose-(1-3)-alpha-D-mannopyranose-(1-4)-2-acetamido-2-deoxy-beta-D-glucopyranose-(1-4)-2-acetamido-2-deoxy-beta-D-glucopyranose
5 non-polymer 'CHLORIDE ION'
6 water water
#
loop_
_entity_poly.entity_id
_entity_poly.type
_entity_poly.pdbx_seq_one_letter_code
_entity_poly.pdbx_strand_id
1 'polypeptide(L)'
;SDLTVAVVLPLTNTSYPWSWARVGPAVELALARVKARPDLLPGWTVRMVLGSSENAAGVCSDTAAPLAAVDLKWEHSPAV
FLGPGCVYSAAPVGRFTAHWRVPLLTAGAPALGIGVKDEYALTTRTGPSHVKLGDFVTALHRRLGWEHQALVLYADRLGD
DRPCFFIVEGLYMRVRERLNITVNHQEFVEGDPDHYPKLLRAVRRKGRVIYICSSPDAFRNLMLLALNAGLTGEDYVFFH
LDVFGQSLKSAQGLVPQKPWERGDGQDRSARQAFQAAKIITYKEPDNPEYLEFLKQLKLLADKKFNFTVEDGLKNIIPAS
FHDGLLLYVQAVTETLAQGGTVTDGENITQRMWNRSFQGVTGYLKIDRNGDRDTDFSLWDMDPETGAFRVVLNYNGTSQE
LMAVSEHKLYWPLGYPPPDVPKCGFDNEDPACNQD
;
A,B
2 'polypeptide(L)' EVKYDPCFGHKIDRINHVSNLGCPSLRDPRPNAPSTSA L
#
loop_
_chem_comp.id
_chem_comp.type
_chem_comp.name
_chem_comp.formula
CL non-polymer 'CHLORIDE ION' 'Cl -1'
MAN D-saccharide, alpha linking alpha-D-mannopyranose 'C6 H12 O6'
NAG D-saccharide, beta linking 2-acetamido-2-deoxy-beta-D-glucopyranose 'C8 H15 N O6'
#
# COMPACT_ATOMS: atom_id res chain seq x y z
N SER A 1 -13.38 -23.62 30.88
CA SER A 1 -13.25 -23.09 32.23
C SER A 1 -12.25 -21.92 32.29
N ASP A 2 -11.51 -21.70 31.20
CA ASP A 2 -10.58 -20.59 31.14
C ASP A 2 -10.46 -20.08 29.71
N LEU A 3 -10.27 -18.77 29.57
CA LEU A 3 -10.38 -18.06 28.30
C LEU A 3 -9.03 -17.40 28.02
N THR A 4 -8.33 -17.89 27.00
CA THR A 4 -7.03 -17.35 26.63
C THR A 4 -7.19 -16.14 25.71
N VAL A 5 -6.57 -15.03 26.11
CA VAL A 5 -6.59 -13.77 25.36
C VAL A 5 -5.18 -13.54 24.82
N ALA A 6 -5.02 -13.57 23.50
CA ALA A 6 -3.73 -13.27 22.91
C ALA A 6 -3.58 -11.78 22.69
N VAL A 7 -2.40 -11.25 23.01
CA VAL A 7 -2.09 -9.83 22.88
C VAL A 7 -0.92 -9.68 21.90
N VAL A 8 -1.09 -8.80 20.92
CA VAL A 8 0.00 -8.39 20.02
C VAL A 8 0.03 -6.87 20.05
N LEU A 9 0.94 -6.31 20.83
CA LEU A 9 1.09 -4.87 20.97
C LEU A 9 2.57 -4.60 21.17
N PRO A 10 2.99 -3.31 21.15
CA PRO A 10 4.39 -3.00 21.49
C PRO A 10 4.69 -3.31 22.96
N LEU A 11 5.39 -4.42 23.21
CA LEU A 11 5.56 -4.88 24.57
C LEU A 11 6.70 -4.17 25.30
N THR A 12 7.55 -3.47 24.57
CA THR A 12 8.77 -2.85 25.09
C THR A 12 8.83 -1.36 24.78
N ASN A 13 8.39 -0.95 23.62
CA ASN A 13 8.39 0.47 23.27
C ASN A 13 7.20 1.14 23.94
N THR A 14 7.45 2.19 24.73
CA THR A 14 6.40 2.88 25.47
C THR A 14 5.93 4.15 24.78
N SER A 15 6.34 4.39 23.54
CA SER A 15 6.06 5.64 22.83
C SER A 15 4.65 5.70 22.25
N TYR A 16 3.98 4.57 22.07
CA TYR A 16 2.71 4.38 21.37
C TYR A 16 1.52 4.55 22.31
N PRO A 17 0.40 5.12 21.84
CA PRO A 17 -0.81 5.16 22.68
C PRO A 17 -1.30 3.78 23.07
N TRP A 18 -1.01 2.76 22.26
CA TRP A 18 -1.37 1.38 22.55
C TRP A 18 -0.18 0.57 23.06
N SER A 19 0.85 1.23 23.57
CA SER A 19 1.98 0.52 24.19
C SER A 19 1.50 -0.30 25.38
N TRP A 20 2.19 -1.42 25.62
CA TRP A 20 1.77 -2.33 26.68
C TRP A 20 1.93 -1.70 28.07
N ALA A 21 2.97 -0.89 28.26
CA ALA A 21 3.13 -0.14 29.51
C ALA A 21 1.93 0.72 29.83
N ARG A 22 1.04 0.93 28.88
CA ARG A 22 -0.15 1.72 29.04
C ARG A 22 -1.43 0.91 28.87
N VAL A 23 -1.43 -0.05 27.95
CA VAL A 23 -2.60 -0.90 27.73
C VAL A 23 -2.59 -2.05 28.71
N GLY A 24 -1.41 -2.55 29.09
CA GLY A 24 -1.26 -3.56 30.11
C GLY A 24 -2.01 -3.26 31.40
N PRO A 25 -1.69 -2.14 32.06
CA PRO A 25 -2.41 -1.82 33.31
C PRO A 25 -3.88 -1.61 33.10
N ALA A 26 -4.28 -1.09 31.93
CA ALA A 26 -5.71 -0.93 31.67
C ALA A 26 -6.39 -2.29 31.54
N VAL A 27 -5.72 -3.26 30.90
CA VAL A 27 -6.29 -4.59 30.74
C VAL A 27 -6.30 -5.34 32.07
N GLU A 28 -5.26 -5.14 32.89
CA GLU A 28 -5.23 -5.74 34.21
C GLU A 28 -6.37 -5.20 35.08
N LEU A 29 -6.61 -3.88 35.02
CA LEU A 29 -7.78 -3.33 35.71
C LEU A 29 -9.06 -3.98 35.20
N ALA A 30 -9.17 -4.18 33.88
CA ALA A 30 -10.39 -4.77 33.32
C ALA A 30 -10.59 -6.19 33.81
N LEU A 31 -9.52 -7.00 33.80
CA LEU A 31 -9.65 -8.39 34.25
C LEU A 31 -10.03 -8.46 35.73
N ALA A 32 -9.52 -7.53 36.54
CA ALA A 32 -9.89 -7.49 37.94
C ALA A 32 -11.38 -7.21 38.10
N ARG A 33 -11.95 -6.37 37.23
CA ARG A 33 -13.37 -6.08 37.32
C ARG A 33 -14.22 -7.26 36.84
N VAL A 34 -13.69 -8.07 35.92
CA VAL A 34 -14.41 -9.29 35.52
C VAL A 34 -14.51 -10.25 36.69
N LYS A 35 -13.42 -10.41 37.43
CA LYS A 35 -13.42 -11.21 38.65
C LYS A 35 -14.51 -10.75 39.59
N ALA A 36 -14.48 -9.47 39.97
CA ALA A 36 -15.40 -8.92 40.94
C ALA A 36 -16.86 -9.06 40.54
N ARG A 37 -17.14 -9.19 39.24
CA ARG A 37 -18.51 -9.26 38.75
C ARG A 37 -18.95 -10.71 38.64
N PRO A 38 -19.87 -11.18 39.49
CA PRO A 38 -20.42 -12.52 39.31
C PRO A 38 -21.34 -12.65 38.11
N ASP A 39 -21.63 -11.56 37.40
CA ASP A 39 -22.44 -11.59 36.20
C ASP A 39 -21.62 -11.67 34.91
N LEU A 40 -20.29 -11.53 35.00
CA LEU A 40 -19.39 -11.66 33.85
C LEU A 40 -18.57 -12.92 34.04
N LEU A 41 -18.67 -13.84 33.05
CA LEU A 41 -17.88 -15.07 32.93
C LEU A 41 -17.62 -15.71 34.31
N PRO A 42 -18.65 -16.23 34.97
CA PRO A 42 -18.47 -16.70 36.35
C PRO A 42 -17.60 -17.94 36.40
N GLY A 43 -16.59 -17.90 37.27
CA GLY A 43 -15.70 -19.03 37.47
C GLY A 43 -14.64 -19.23 36.41
N TRP A 44 -14.70 -18.52 35.28
CA TRP A 44 -13.66 -18.60 34.27
C TRP A 44 -12.42 -17.84 34.73
N THR A 45 -11.26 -18.37 34.34
CA THR A 45 -9.97 -17.73 34.63
C THR A 45 -9.39 -17.25 33.30
N VAL A 46 -9.53 -15.96 33.03
CA VAL A 46 -9.07 -15.38 31.77
C VAL A 46 -7.56 -15.28 31.78
N ARG A 47 -6.91 -15.83 30.76
CA ARG A 47 -5.46 -15.85 30.67
C ARG A 47 -4.98 -14.95 29.53
N MET A 48 -3.86 -14.27 29.76
CA MET A 48 -3.26 -13.37 28.79
C MET A 48 -1.92 -13.95 28.35
N VAL A 49 -1.75 -14.12 27.04
CA VAL A 49 -0.48 -14.47 26.44
C VAL A 49 -0.08 -13.34 25.52
N LEU A 50 1.18 -12.90 25.62
CA LEU A 50 1.63 -11.66 25.01
C LEU A 50 2.60 -11.94 23.87
N GLY A 51 2.43 -11.19 22.79
CA GLY A 51 3.41 -11.14 21.72
C GLY A 51 3.65 -9.70 21.31
N SER A 52 4.85 -9.45 20.82
CA SER A 52 5.24 -8.08 20.53
C SER A 52 5.15 -7.80 19.04
N SER A 53 4.45 -6.73 18.72
CA SER A 53 4.31 -6.29 17.34
C SER A 53 5.56 -5.57 16.84
N GLU A 54 6.56 -5.36 17.69
CA GLU A 54 7.64 -4.47 17.32
C GLU A 54 8.84 -5.29 16.84
N ASN A 55 9.64 -4.67 15.98
CA ASN A 55 10.75 -5.34 15.33
C ASN A 55 12.03 -5.16 16.15
N ALA A 56 13.19 -5.44 15.53
CA ALA A 56 14.46 -5.33 16.24
C ALA A 56 14.75 -3.87 16.64
N ALA A 57 14.45 -2.93 15.75
CA ALA A 57 14.63 -1.51 16.06
C ALA A 57 13.67 -0.98 17.11
N GLY A 58 12.60 -1.71 17.43
CA GLY A 58 11.66 -1.30 18.46
C GLY A 58 10.37 -0.65 17.99
N VAL A 59 10.16 -0.47 16.68
CA VAL A 59 8.93 0.13 16.19
C VAL A 59 7.99 -0.98 15.74
N CYS A 60 6.70 -0.67 15.76
CA CYS A 60 5.71 -1.66 15.36
C CYS A 60 5.90 -1.98 13.88
N SER A 61 5.67 -3.24 13.53
CA SER A 61 6.22 -3.81 12.30
C SER A 61 5.16 -4.59 11.55
N ASP A 62 5.17 -4.44 10.21
CA ASP A 62 4.32 -5.29 9.38
C ASP A 62 4.79 -6.76 9.33
N THR A 63 5.89 -7.09 9.99
CA THR A 63 6.43 -8.44 9.98
C THR A 63 6.48 -9.06 11.37
N ALA A 64 7.05 -8.36 12.35
CA ALA A 64 7.07 -8.88 13.72
C ALA A 64 5.66 -9.22 14.21
N ALA A 65 4.68 -8.35 13.91
CA ALA A 65 3.35 -8.55 14.48
C ALA A 65 2.65 -9.78 13.92
N PRO A 66 2.55 -9.99 12.60
CA PRO A 66 1.91 -11.23 12.12
C PRO A 66 2.68 -12.48 12.51
N LEU A 67 4.01 -12.44 12.58
CA LEU A 67 4.77 -13.56 13.12
C LEU A 67 4.36 -13.82 14.57
N ALA A 68 4.36 -12.76 15.40
CA ALA A 68 3.91 -12.89 16.79
C ALA A 68 2.51 -13.49 16.89
N ALA A 69 1.62 -13.13 15.96
CA ALA A 69 0.26 -13.66 16.00
C ALA A 69 0.23 -15.16 15.74
N VAL A 70 0.88 -15.62 14.66
CA VAL A 70 0.91 -17.04 14.34
C VAL A 70 1.50 -17.82 15.51
N ASP A 71 2.56 -17.28 16.10
CA ASP A 71 3.20 -17.92 17.26
C ASP A 71 2.20 -18.12 18.40
N LEU A 72 1.42 -17.09 18.72
CA LEU A 72 0.43 -17.21 19.78
C LEU A 72 -0.72 -18.13 19.38
N LYS A 73 -1.06 -18.20 18.09
CA LYS A 73 -2.22 -18.98 17.70
C LYS A 73 -1.93 -20.47 17.82
N TRP A 74 -0.71 -20.89 17.54
N TRP A 74 -0.70 -20.88 17.50
CA TRP A 74 -0.39 -22.32 17.58
CA TRP A 74 -0.30 -22.28 17.54
C TRP A 74 0.10 -22.78 18.95
C TRP A 74 0.00 -22.72 18.97
N GLU A 75 0.68 -21.88 19.75
CA GLU A 75 1.14 -22.27 21.07
C GLU A 75 0.03 -22.26 22.12
N HIS A 76 -0.93 -21.34 21.99
CA HIS A 76 -1.94 -21.14 23.02
C HIS A 76 -3.37 -21.20 22.53
N SER A 77 -3.62 -21.30 21.22
CA SER A 77 -4.95 -21.33 20.61
C SER A 77 -5.94 -20.39 21.30
N PRO A 78 -5.72 -19.08 21.24
CA PRO A 78 -6.55 -18.16 22.01
C PRO A 78 -7.92 -18.00 21.38
N ALA A 79 -8.83 -17.43 22.18
CA ALA A 79 -10.20 -17.19 21.74
C ALA A 79 -10.38 -15.80 21.15
N VAL A 80 -9.41 -14.90 21.35
CA VAL A 80 -9.55 -13.51 20.96
C VAL A 80 -8.15 -12.90 20.89
N PHE A 81 -7.97 -11.96 19.98
CA PHE A 81 -6.74 -11.19 19.92
C PHE A 81 -7.01 -9.77 20.38
N LEU A 82 -6.02 -9.20 21.06
CA LEU A 82 -6.05 -7.82 21.50
C LEU A 82 -4.91 -7.09 20.81
N GLY A 83 -5.26 -6.05 20.03
CA GLY A 83 -4.28 -5.37 19.21
C GLY A 83 -4.09 -6.10 17.88
N PRO A 84 -3.17 -5.63 17.04
CA PRO A 84 -2.27 -4.48 17.21
C PRO A 84 -2.97 -3.14 17.05
N GLY A 85 -2.29 -2.07 17.48
CA GLY A 85 -2.76 -0.72 17.29
C GLY A 85 -2.20 -0.04 16.05
N CYS A 86 -0.96 -0.37 15.65
CA CYS A 86 -0.42 0.24 14.44
C CYS A 86 -1.15 -0.29 13.20
N VAL A 87 -1.34 0.59 12.22
CA VAL A 87 -2.07 0.23 11.00
C VAL A 87 -1.33 -0.88 10.24
N TYR A 88 -0.01 -0.73 10.10
CA TYR A 88 0.75 -1.72 9.33
C TYR A 88 0.90 -3.02 10.09
N SER A 89 0.93 -2.98 11.43
CA SER A 89 0.88 -4.20 12.22
C SER A 89 -0.50 -4.84 12.15
N ALA A 90 -1.56 -4.04 12.20
CA ALA A 90 -2.89 -4.61 12.37
C ALA A 90 -3.45 -5.15 11.07
N ALA A 91 -2.96 -4.70 9.92
CA ALA A 91 -3.54 -5.20 8.68
C ALA A 91 -3.16 -6.65 8.42
N PRO A 92 -1.88 -7.06 8.45
CA PRO A 92 -1.61 -8.50 8.29
C PRO A 92 -2.23 -9.35 9.38
N VAL A 93 -2.12 -8.92 10.66
CA VAL A 93 -2.71 -9.70 11.75
C VAL A 93 -4.23 -9.80 11.60
N GLY A 94 -4.88 -8.69 11.26
CA GLY A 94 -6.32 -8.74 11.07
C GLY A 94 -6.73 -9.68 9.97
N ARG A 95 -5.93 -9.76 8.90
N ARG A 95 -5.93 -9.76 8.90
CA ARG A 95 -6.20 -10.72 7.84
CA ARG A 95 -6.19 -10.72 7.83
C ARG A 95 -5.98 -12.15 8.32
C ARG A 95 -5.99 -12.15 8.33
N PHE A 96 -4.99 -12.36 9.19
CA PHE A 96 -4.81 -13.69 9.77
C PHE A 96 -5.99 -14.07 10.66
N THR A 97 -6.39 -13.18 11.59
CA THR A 97 -7.44 -13.54 12.53
C THR A 97 -8.79 -13.72 11.84
N ALA A 98 -9.04 -12.97 10.76
CA ALA A 98 -10.23 -13.24 9.95
C ALA A 98 -10.19 -14.64 9.36
N HIS A 99 -9.02 -15.07 8.86
CA HIS A 99 -8.92 -16.41 8.27
C HIS A 99 -9.10 -17.51 9.32
N TRP A 100 -8.52 -17.32 10.51
CA TRP A 100 -8.67 -18.23 11.64
C TRP A 100 -10.07 -18.20 12.25
N ARG A 101 -10.92 -17.25 11.83
CA ARG A 101 -12.24 -17.02 12.44
C ARG A 101 -12.14 -16.70 13.95
N VAL A 102 -11.05 -16.10 14.36
CA VAL A 102 -10.85 -15.68 15.75
C VAL A 102 -11.17 -14.19 15.85
N PRO A 103 -11.96 -13.76 16.84
CA PRO A 103 -12.25 -12.33 16.98
C PRO A 103 -11.02 -11.54 17.35
N LEU A 104 -10.94 -10.32 16.82
CA LEU A 104 -9.86 -9.37 17.09
C LEU A 104 -10.43 -8.09 17.69
N LEU A 105 -9.80 -7.60 18.75
CA LEU A 105 -10.21 -6.37 19.46
C LEU A 105 -9.05 -5.39 19.49
N THR A 106 -9.31 -4.15 19.09
CA THR A 106 -8.27 -3.14 19.16
C THR A 106 -8.89 -1.76 19.24
N ALA A 107 -8.25 -0.90 20.03
CA ALA A 107 -8.60 0.51 20.04
C ALA A 107 -7.70 1.32 19.10
N GLY A 108 -6.80 0.65 18.39
CA GLY A 108 -5.99 1.27 17.35
C GLY A 108 -6.50 0.96 15.96
N ALA A 109 -5.56 0.84 15.02
CA ALA A 109 -5.86 0.47 13.64
C ALA A 109 -7.03 1.26 13.05
N PRO A 110 -6.97 2.60 13.09
CA PRO A 110 -8.11 3.40 12.60
C PRO A 110 -8.21 3.52 11.09
N ALA A 111 -7.37 2.83 10.30
CA ALA A 111 -7.29 3.08 8.86
C ALA A 111 -8.60 2.75 8.14
N LEU A 112 -8.83 3.47 7.04
CA LEU A 112 -10.01 3.25 6.21
C LEU A 112 -10.18 1.77 5.83
N GLY A 113 -9.09 1.08 5.46
CA GLY A 113 -9.22 -0.27 4.95
C GLY A 113 -9.58 -1.30 5.99
N ILE A 114 -9.18 -1.08 7.26
CA ILE A 114 -9.60 -1.96 8.35
C ILE A 114 -11.12 -1.94 8.47
N GLY A 115 -11.75 -0.85 8.02
CA GLY A 115 -13.20 -0.76 8.04
C GLY A 115 -13.90 -1.71 7.10
N VAL A 116 -13.19 -2.30 6.15
CA VAL A 116 -13.79 -3.24 5.21
C VAL A 116 -13.90 -4.59 5.90
N LYS A 117 -14.96 -4.77 6.69
CA LYS A 117 -15.05 -5.94 7.56
C LYS A 117 -15.36 -7.22 6.81
N ASP A 118 -15.76 -7.13 5.54
CA ASP A 118 -15.84 -8.33 4.72
C ASP A 118 -14.46 -8.97 4.56
N GLU A 119 -13.41 -8.15 4.58
CA GLU A 119 -12.03 -8.62 4.64
C GLU A 119 -11.57 -8.83 6.09
N TYR A 120 -11.70 -7.80 6.92
CA TYR A 120 -11.33 -7.87 8.35
C TYR A 120 -12.51 -8.37 9.18
N ALA A 121 -12.90 -9.61 8.87
CA ALA A 121 -13.99 -10.26 9.59
C ALA A 121 -13.64 -10.42 11.06
N LEU A 122 -14.66 -10.28 11.90
CA LEU A 122 -14.51 -10.44 13.35
C LEU A 122 -13.50 -9.47 13.96
N THR A 123 -13.15 -8.39 13.24
CA THR A 123 -12.40 -7.28 13.83
C THR A 123 -13.39 -6.26 14.39
N THR A 124 -13.31 -6.01 15.69
CA THR A 124 -14.11 -5.00 16.37
C THR A 124 -13.18 -3.90 16.84
N ARG A 125 -13.45 -2.67 16.41
CA ARG A 125 -12.67 -1.50 16.79
C ARG A 125 -13.43 -0.69 17.85
N THR A 126 -12.84 -0.58 19.04
CA THR A 126 -13.46 0.11 20.17
C THR A 126 -12.81 1.45 20.45
N GLY A 127 -11.88 1.88 19.60
CA GLY A 127 -11.31 3.20 19.65
C GLY A 127 -11.69 3.99 18.42
N PRO A 128 -10.99 5.10 18.18
CA PRO A 128 -11.33 5.98 17.05
C PRO A 128 -11.08 5.37 15.68
N SER A 129 -11.84 5.86 14.71
CA SER A 129 -11.66 5.56 13.29
C SER A 129 -11.55 6.86 12.52
N HIS A 130 -10.84 6.79 11.42
CA HIS A 130 -10.63 7.98 10.60
C HIS A 130 -11.81 8.29 9.69
N VAL A 131 -12.64 7.31 9.33
CA VAL A 131 -13.89 7.69 8.69
C VAL A 131 -14.76 8.50 9.63
N LYS A 132 -14.67 8.25 10.94
CA LYS A 132 -15.47 9.04 11.89
C LYS A 132 -15.04 10.50 11.87
N LEU A 133 -13.78 10.79 11.53
CA LEU A 133 -13.37 12.17 11.35
C LEU A 133 -14.05 12.79 10.14
N GLY A 134 -14.18 12.02 9.06
CA GLY A 134 -14.98 12.48 7.93
C GLY A 134 -16.40 12.86 8.32
N ASP A 135 -17.03 12.08 9.22
CA ASP A 135 -18.37 12.40 9.71
C ASP A 135 -18.39 13.77 10.37
N PHE A 136 -17.42 14.03 11.25
CA PHE A 136 -17.32 15.31 11.93
C PHE A 136 -17.13 16.45 10.94
N VAL A 137 -16.19 16.31 10.02
CA VAL A 137 -15.95 17.34 9.03
C VAL A 137 -17.21 17.61 8.21
N THR A 138 -17.94 16.54 7.86
CA THR A 138 -19.21 16.71 7.15
C THR A 138 -20.18 17.56 7.96
N ALA A 139 -20.47 17.12 9.19
CA ALA A 139 -21.37 17.86 10.06
C ALA A 139 -20.89 19.30 10.25
N LEU A 140 -19.57 19.51 10.21
CA LEU A 140 -19.02 20.84 10.34
C LEU A 140 -19.32 21.69 9.11
N HIS A 141 -19.17 21.12 7.91
CA HIS A 141 -19.43 21.89 6.70
C HIS A 141 -20.92 22.17 6.55
N ARG A 142 -21.76 21.15 6.79
CA ARG A 142 -23.20 21.34 6.72
C ARG A 142 -23.66 22.42 7.69
N ARG A 143 -23.12 22.42 8.91
CA ARG A 143 -23.51 23.35 9.95
C ARG A 143 -22.70 24.65 9.92
N LEU A 144 -22.26 25.09 8.73
CA LEU A 144 -21.42 26.27 8.63
C LEU A 144 -21.43 26.85 7.22
N GLY A 145 -21.99 26.12 6.26
CA GLY A 145 -22.22 26.65 4.94
C GLY A 145 -21.10 26.47 3.94
N TRP A 146 -20.21 25.50 4.17
CA TRP A 146 -19.12 25.20 3.24
C TRP A 146 -19.52 23.99 2.42
N GLU A 147 -20.15 24.24 1.27
CA GLU A 147 -20.62 23.17 0.40
C GLU A 147 -19.86 23.11 -0.91
N HIS A 148 -18.66 23.71 -0.96
CA HIS A 148 -17.96 23.82 -2.24
C HIS A 148 -16.56 23.20 -2.23
N GLN A 149 -15.59 23.91 -1.65
CA GLN A 149 -14.20 23.55 -1.82
C GLN A 149 -13.47 23.53 -0.49
N ALA A 150 -12.59 22.55 -0.32
CA ALA A 150 -11.72 22.44 0.84
C ALA A 150 -10.39 21.88 0.40
N LEU A 151 -9.34 22.26 1.13
CA LEU A 151 -7.98 21.84 0.85
C LEU A 151 -7.43 21.12 2.07
N VAL A 152 -6.76 20.00 1.83
CA VAL A 152 -6.18 19.18 2.87
C VAL A 152 -4.68 19.03 2.62
N LEU A 153 -3.87 19.60 3.51
CA LEU A 153 -2.43 19.37 3.51
C LEU A 153 -2.08 18.39 4.62
N TYR A 154 -1.23 17.42 4.31
CA TYR A 154 -0.85 16.43 5.30
C TYR A 154 0.62 16.10 5.14
N ALA A 155 1.28 15.99 6.29
N ALA A 155 1.26 15.70 6.24
CA ALA A 155 2.69 15.68 6.37
CA ALA A 155 2.67 15.31 6.15
C ALA A 155 2.84 14.18 6.31
C ALA A 155 3.00 14.21 7.15
N ASP A 156 3.52 13.70 5.29
N ASP A 156 3.84 13.26 6.72
CA ASP A 156 3.64 12.27 5.11
CA ASP A 156 4.33 12.21 7.60
C ASP A 156 5.05 11.96 4.67
C ASP A 156 5.85 12.20 7.60
N ARG A 157 5.40 10.68 4.79
N ARG A 157 6.42 11.48 8.56
CA ARG A 157 6.73 10.22 4.42
CA ARG A 157 7.86 11.28 8.66
C ARG A 157 6.65 8.70 4.23
C ARG A 157 8.19 9.93 8.05
N LEU A 158 7.76 8.02 4.49
N LEU A 158 9.19 9.90 7.16
CA LEU A 158 7.80 6.59 4.73
CA LEU A 158 9.51 8.66 6.48
C LEU A 158 8.64 6.36 5.97
C LEU A 158 9.94 7.59 7.49
N GLY A 159 8.37 5.26 6.66
N GLY A 159 9.28 6.44 7.44
CA GLY A 159 9.21 4.92 7.81
CA GLY A 159 9.58 5.32 8.31
C GLY A 159 8.45 4.77 9.10
C GLY A 159 8.48 4.97 9.30
N ASP A 160 7.44 5.62 9.31
N ASP A 160 7.49 5.83 9.49
CA ASP A 160 6.55 5.45 10.44
CA ASP A 160 6.51 5.65 10.55
C ASP A 160 5.26 4.78 9.95
C ASP A 160 5.31 4.85 10.02
N ASP A 161 4.18 4.96 10.68
N ASP A 161 4.18 4.97 10.69
CA ASP A 161 2.89 4.41 10.30
CA ASP A 161 2.91 4.40 10.28
C ASP A 161 2.12 5.33 9.35
C ASP A 161 2.14 5.31 9.33
N ARG A 162 2.75 6.40 8.87
CA ARG A 162 2.09 7.39 8.03
C ARG A 162 0.75 7.82 8.63
N PRO A 163 0.71 8.29 9.87
CA PRO A 163 -0.58 8.50 10.50
C PRO A 163 -1.37 9.63 9.84
N CYS A 164 -0.70 10.67 9.36
CA CYS A 164 -1.44 11.71 8.67
C CYS A 164 -2.03 11.23 7.35
N PHE A 165 -1.38 10.27 6.69
CA PHE A 165 -1.95 9.73 5.46
C PHE A 165 -3.25 9.01 5.75
N PHE A 166 -3.24 8.14 6.75
CA PHE A 166 -4.44 7.38 7.06
C PHE A 166 -5.53 8.27 7.66
N ILE A 167 -5.13 9.27 8.47
CA ILE A 167 -6.08 10.28 8.95
C ILE A 167 -6.74 10.97 7.76
N VAL A 168 -5.95 11.44 6.82
CA VAL A 168 -6.46 12.20 5.69
C VAL A 168 -7.27 11.30 4.74
N GLU A 169 -6.79 10.08 4.50
CA GLU A 169 -7.54 9.13 3.68
C GLU A 169 -8.96 8.96 4.22
N GLY A 170 -9.10 8.71 5.52
CA GLY A 170 -10.42 8.53 6.10
C GLY A 170 -11.28 9.77 5.97
N LEU A 171 -10.71 10.93 6.31
CA LEU A 171 -11.43 12.19 6.10
C LEU A 171 -11.87 12.32 4.65
N TYR A 172 -10.91 12.18 3.72
CA TYR A 172 -11.18 12.42 2.30
C TYR A 172 -12.31 11.54 1.78
N MET A 173 -12.23 10.23 2.05
CA MET A 173 -13.23 9.31 1.50
C MET A 173 -14.61 9.55 2.10
N ARG A 174 -14.70 9.63 3.43
CA ARG A 174 -16.01 9.79 4.05
C ARG A 174 -16.63 11.14 3.68
N VAL A 175 -15.81 12.19 3.54
CA VAL A 175 -16.35 13.51 3.23
C VAL A 175 -16.92 13.53 1.82
N ARG A 176 -16.26 12.88 0.88
CA ARG A 176 -16.77 12.81 -0.48
C ARG A 176 -17.84 11.75 -0.65
N GLU A 177 -17.94 10.82 0.31
CA GLU A 177 -19.06 9.90 0.37
C GLU A 177 -20.34 10.64 0.74
N ARG A 178 -20.23 11.64 1.63
CA ARG A 178 -21.38 12.33 2.22
C ARG A 178 -21.64 13.71 1.63
N LEU A 179 -20.61 14.49 1.32
CA LEU A 179 -20.84 15.82 0.76
C LEU A 179 -20.58 15.89 -0.74
N ASN A 180 -19.62 15.12 -1.24
CA ASN A 180 -19.25 15.16 -2.65
C ASN A 180 -18.98 16.58 -3.11
N ILE A 181 -18.27 17.34 -2.29
CA ILE A 181 -17.74 18.63 -2.67
C ILE A 181 -16.30 18.42 -3.10
N THR A 182 -15.67 19.47 -3.63
CA THR A 182 -14.30 19.36 -4.15
C THR A 182 -13.32 19.47 -3.00
N VAL A 183 -12.52 18.42 -2.81
CA VAL A 183 -11.54 18.34 -1.73
C VAL A 183 -10.19 18.12 -2.37
N ASN A 184 -9.36 19.17 -2.41
CA ASN A 184 -8.00 19.00 -2.87
C ASN A 184 -7.12 18.50 -1.74
N HIS A 185 -6.09 17.73 -2.12
CA HIS A 185 -5.18 17.19 -1.11
C HIS A 185 -3.75 17.17 -1.64
N GLN A 186 -2.83 17.70 -0.83
CA GLN A 186 -1.41 17.76 -1.13
C GLN A 186 -0.62 17.30 0.07
N GLU A 187 0.36 16.42 -0.16
N GLU A 187 0.28 16.34 -0.10
CA GLU A 187 1.26 15.85 0.84
CA GLU A 187 1.13 16.03 1.03
C GLU A 187 2.62 16.56 0.83
C GLU A 187 2.27 17.04 1.08
N PHE A 188 3.18 16.82 2.01
CA PHE A 188 4.46 17.49 2.07
C PHE A 188 5.36 16.74 3.03
N VAL A 189 6.64 17.05 2.98
CA VAL A 189 7.62 16.50 3.92
C VAL A 189 7.97 17.60 4.91
N GLU A 190 7.84 17.30 6.20
CA GLU A 190 7.84 18.37 7.20
C GLU A 190 9.17 19.09 7.26
N GLY A 191 10.29 18.35 7.24
CA GLY A 191 11.60 18.92 7.38
C GLY A 191 12.23 19.46 6.11
N ASP A 192 11.45 19.63 5.05
CA ASP A 192 11.97 20.03 3.75
C ASP A 192 11.50 21.44 3.39
N PRO A 193 12.39 22.44 3.41
CA PRO A 193 11.95 23.81 3.13
C PRO A 193 11.43 23.98 1.71
N ASP A 194 11.83 23.10 0.79
CA ASP A 194 11.33 23.17 -0.59
C ASP A 194 9.81 23.21 -0.64
N HIS A 195 9.14 22.49 0.27
CA HIS A 195 7.69 22.33 0.19
C HIS A 195 6.92 23.52 0.73
N TYR A 196 7.55 24.42 1.44
CA TYR A 196 6.74 25.45 2.06
C TYR A 196 6.31 26.53 1.06
N PRO A 197 7.14 26.93 0.08
CA PRO A 197 6.57 27.79 -0.98
C PRO A 197 5.44 27.11 -1.72
N LYS A 198 5.62 25.82 -2.02
CA LYS A 198 4.57 25.05 -2.69
C LYS A 198 3.29 25.04 -1.87
N LEU A 199 3.39 24.74 -0.57
CA LEU A 199 2.20 24.70 0.29
C LEU A 199 1.51 26.05 0.34
N LEU A 200 2.25 27.12 0.65
CA LEU A 200 1.65 28.44 0.76
C LEU A 200 0.91 28.79 -0.52
N ARG A 201 1.55 28.55 -1.66
CA ARG A 201 0.94 28.79 -2.96
C ARG A 201 -0.35 28.00 -3.12
N ALA A 202 -0.37 26.75 -2.67
CA ALA A 202 -1.58 25.94 -2.78
C ALA A 202 -2.67 26.48 -1.86
N VAL A 203 -2.28 26.92 -0.67
CA VAL A 203 -3.24 27.48 0.28
C VAL A 203 -4.05 28.59 -0.36
N ARG A 204 -3.40 29.45 -1.14
CA ARG A 204 -4.11 30.57 -1.73
C ARG A 204 -4.73 30.24 -3.09
N ARG A 205 -4.37 29.13 -3.72
CA ARG A 205 -4.95 28.78 -5.00
C ARG A 205 -5.97 27.66 -4.92
N LYS A 206 -6.03 26.92 -3.82
CA LYS A 206 -6.82 25.69 -3.77
C LYS A 206 -7.91 25.66 -2.72
N GLY A 207 -7.95 26.59 -1.77
CA GLY A 207 -9.03 26.57 -0.82
C GLY A 207 -8.96 27.73 0.15
N ARG A 208 -10.09 27.99 0.79
CA ARG A 208 -10.15 28.86 1.94
C ARG A 208 -10.47 28.11 3.23
N VAL A 209 -11.15 26.97 3.13
CA VAL A 209 -11.32 26.05 4.25
C VAL A 209 -10.23 25.00 4.15
N ILE A 210 -9.31 25.01 5.11
CA ILE A 210 -8.05 24.29 4.98
C ILE A 210 -7.83 23.44 6.22
N TYR A 211 -7.57 22.15 5.99
CA TYR A 211 -7.25 21.18 7.03
C TYR A 211 -5.78 20.77 6.88
N ILE A 212 -5.02 20.87 7.98
CA ILE A 212 -3.61 20.49 7.98
C ILE A 212 -3.42 19.39 9.02
N CYS A 213 -2.97 18.22 8.56
CA CYS A 213 -2.50 17.17 9.44
C CYS A 213 -0.98 17.22 9.42
N SER A 214 -0.37 17.46 10.58
CA SER A 214 1.05 17.72 10.65
C SER A 214 1.42 17.84 12.12
N SER A 215 2.72 17.95 12.36
CA SER A 215 3.20 18.20 13.70
C SER A 215 2.79 19.61 14.15
N PRO A 216 2.71 19.84 15.45
CA PRO A 216 2.36 21.20 15.93
C PRO A 216 3.32 22.25 15.40
N ASP A 217 4.63 21.99 15.44
CA ASP A 217 5.60 22.98 14.97
C ASP A 217 5.40 23.29 13.49
N ALA A 218 5.16 22.27 12.65
CA ALA A 218 4.88 22.54 11.25
C ALA A 218 3.62 23.39 11.10
N PHE A 219 2.55 23.01 11.80
CA PHE A 219 1.31 23.78 11.70
C PHE A 219 1.53 25.21 12.15
N ARG A 220 2.39 25.42 13.16
CA ARG A 220 2.71 26.77 13.61
C ARG A 220 3.47 27.54 12.54
N ASN A 221 4.48 26.92 11.95
CA ASN A 221 5.26 27.58 10.90
C ASN A 221 4.36 27.98 9.74
N LEU A 222 3.42 27.11 9.35
CA LEU A 222 2.52 27.45 8.26
C LEU A 222 1.66 28.67 8.60
N MET A 223 1.20 28.78 9.85
CA MET A 223 0.41 29.94 10.23
C MET A 223 1.25 31.21 10.20
N LEU A 224 2.46 31.15 10.78
CA LEU A 224 3.36 32.30 10.74
C LEU A 224 3.63 32.74 9.31
N LEU A 225 3.77 31.79 8.39
CA LEU A 225 3.99 32.16 6.99
C LEU A 225 2.73 32.68 6.34
N ALA A 226 1.57 32.14 6.71
CA ALA A 226 0.31 32.64 6.18
C ALA A 226 0.08 34.08 6.62
N LEU A 227 0.27 34.35 7.92
CA LEU A 227 0.24 35.73 8.39
C LEU A 227 1.24 36.58 7.63
N ASN A 228 2.51 36.16 7.64
CA ASN A 228 3.56 36.88 6.92
C ASN A 228 3.18 37.17 5.47
N ALA A 229 2.31 36.35 4.88
CA ALA A 229 1.91 36.51 3.48
C ALA A 229 0.50 37.08 3.33
N GLY A 230 -0.05 37.65 4.39
CA GLY A 230 -1.35 38.32 4.31
C GLY A 230 -2.56 37.41 4.20
N LEU A 231 -2.60 36.33 4.98
CA LEU A 231 -3.72 35.39 4.99
C LEU A 231 -4.36 35.44 6.38
N THR A 232 -5.52 36.10 6.48
CA THR A 232 -6.16 36.38 7.75
C THR A 232 -7.54 35.72 7.83
N GLY A 233 -8.06 35.67 9.06
CA GLY A 233 -9.28 34.93 9.34
C GLY A 233 -10.52 35.52 8.70
N GLU A 234 -10.43 36.75 8.19
CA GLU A 234 -11.52 37.32 7.40
C GLU A 234 -11.74 36.56 6.10
N ASP A 235 -10.79 35.71 5.70
CA ASP A 235 -10.92 34.98 4.45
C ASP A 235 -10.41 33.55 4.48
N TYR A 236 -9.64 33.15 5.48
CA TYR A 236 -9.15 31.79 5.63
C TYR A 236 -9.53 31.24 7.00
N VAL A 237 -9.59 29.91 7.08
CA VAL A 237 -9.72 29.23 8.36
C VAL A 237 -8.90 27.95 8.25
N PHE A 238 -7.94 27.78 9.18
CA PHE A 238 -7.02 26.65 9.17
C PHE A 238 -7.36 25.73 10.33
N PHE A 239 -7.82 24.51 10.00
CA PHE A 239 -8.08 23.48 11.00
C PHE A 239 -6.83 22.61 11.12
N HIS A 240 -6.24 22.55 12.31
CA HIS A 240 -5.17 21.60 12.57
C HIS A 240 -5.81 20.28 12.98
N LEU A 241 -5.61 19.25 12.17
CA LEU A 241 -6.03 17.88 12.49
C LEU A 241 -5.05 17.30 13.50
N ASP A 242 -5.33 17.51 14.79
CA ASP A 242 -4.45 17.09 15.88
C ASP A 242 -5.28 16.21 16.83
N VAL A 243 -5.50 14.95 16.43
CA VAL A 243 -6.50 14.15 17.11
C VAL A 243 -6.10 13.88 18.56
N PHE A 244 -4.82 13.68 18.82
CA PHE A 244 -4.37 13.43 20.17
C PHE A 244 -3.95 14.69 20.90
N GLY A 245 -4.28 15.85 20.36
CA GLY A 245 -3.92 17.11 21.01
C GLY A 245 -2.45 17.24 21.29
N GLN A 246 -1.59 16.84 20.35
CA GLN A 246 -0.16 16.99 20.57
C GLN A 246 0.21 18.46 20.76
N SER A 247 -0.56 19.38 20.17
CA SER A 247 -0.26 20.80 20.28
C SER A 247 -0.79 21.42 21.57
N LEU A 248 -1.51 20.65 22.39
CA LEU A 248 -2.07 21.14 23.64
C LEU A 248 -1.56 20.30 24.81
N LYS A 249 -1.66 20.85 26.01
CA LYS A 249 -1.24 20.10 27.19
C LYS A 249 -2.34 19.16 27.66
N SER A 250 -2.40 18.93 28.97
CA SER A 250 -3.37 18.02 29.56
C SER A 250 -4.59 18.77 30.03
N ALA A 251 -5.78 18.18 29.82
CA ALA A 251 -7.02 18.84 30.20
C ALA A 251 -7.28 18.85 31.70
N GLN A 252 -6.41 18.23 32.50
CA GLN A 252 -6.59 18.15 33.95
C GLN A 252 -6.04 19.38 34.66
N GLY A 253 -4.80 19.76 34.36
CA GLY A 253 -4.26 21.01 34.86
C GLY A 253 -3.83 21.90 33.71
N LEU A 254 -2.67 22.56 33.84
CA LEU A 254 -2.07 23.32 32.75
C LEU A 254 -3.06 24.33 32.15
N VAL A 255 -3.61 25.18 33.01
CA VAL A 255 -4.58 26.19 32.60
C VAL A 255 -3.82 27.50 32.37
N PRO A 256 -3.94 28.13 31.18
CA PRO A 256 -4.73 27.73 30.01
C PRO A 256 -3.93 27.03 28.91
N GLN A 257 -4.35 27.20 27.66
CA GLN A 257 -3.86 26.42 26.54
C GLN A 257 -3.38 27.35 25.43
N LYS A 258 -2.08 27.35 25.15
CA LYS A 258 -1.46 28.25 24.17
C LYS A 258 -0.56 27.48 23.21
N PRO A 259 -1.15 26.88 22.16
CA PRO A 259 -0.31 26.19 21.16
C PRO A 259 0.65 27.11 20.43
N TRP A 260 0.30 28.39 20.26
CA TRP A 260 1.18 29.33 19.57
C TRP A 260 2.36 29.77 20.43
N GLU A 261 2.33 29.51 21.73
CA GLU A 261 3.41 29.92 22.61
C GLU A 261 4.59 28.96 22.45
N ARG A 262 5.78 29.54 22.29
CA ARG A 262 6.97 28.72 22.06
C ARG A 262 8.21 29.35 22.67
N GLY A 263 8.11 30.60 23.12
CA GLY A 263 9.26 31.27 23.70
C GLY A 263 10.36 31.55 22.72
N ASP A 264 10.04 31.70 21.44
CA ASP A 264 11.02 31.75 20.36
C ASP A 264 11.18 33.13 19.72
N GLY A 265 10.49 34.15 20.25
CA GLY A 265 10.47 35.47 19.67
C GLY A 265 9.23 35.75 18.86
N GLN A 266 8.64 34.73 18.27
CA GLN A 266 7.49 34.90 17.40
C GLN A 266 6.16 34.73 18.11
N ASP A 267 6.17 34.54 19.45
CA ASP A 267 4.94 34.27 20.18
C ASP A 267 3.91 35.36 19.96
N ARG A 268 4.34 36.60 19.74
CA ARG A 268 3.40 37.66 19.45
C ARG A 268 2.80 37.50 18.06
N SER A 269 3.67 37.31 17.06
CA SER A 269 3.19 37.12 15.70
C SER A 269 2.38 35.83 15.55
N ALA A 270 2.82 34.76 16.25
CA ALA A 270 2.12 33.48 16.15
C ALA A 270 0.71 33.54 16.71
N ARG A 271 0.48 34.35 17.74
CA ARG A 271 -0.87 34.46 18.27
C ARG A 271 -1.77 35.24 17.33
N GLN A 272 -1.23 36.24 16.63
CA GLN A 272 -2.01 36.90 15.58
C GLN A 272 -2.47 35.88 14.55
N ALA A 273 -1.55 35.09 14.02
CA ALA A 273 -1.90 34.12 13.00
C ALA A 273 -2.87 33.08 13.53
N PHE A 274 -2.64 32.59 14.74
CA PHE A 274 -3.49 31.54 15.29
C PHE A 274 -4.92 31.99 15.52
N GLN A 275 -5.21 33.28 15.41
CA GLN A 275 -6.60 33.72 15.43
C GLN A 275 -7.39 33.11 14.27
N ALA A 276 -6.71 32.81 13.17
CA ALA A 276 -7.32 32.18 12.01
C ALA A 276 -7.35 30.67 12.11
N ALA A 277 -6.84 30.11 13.20
CA ALA A 277 -6.62 28.68 13.32
C ALA A 277 -7.57 28.10 14.36
N LYS A 278 -8.12 26.93 14.04
CA LYS A 278 -8.89 26.13 14.99
C LYS A 278 -8.28 24.73 15.00
N ILE A 279 -8.53 23.98 16.07
CA ILE A 279 -7.86 22.71 16.28
C ILE A 279 -8.91 21.64 16.50
N ILE A 280 -8.87 20.61 15.68
CA ILE A 280 -9.76 19.45 15.82
C ILE A 280 -9.03 18.39 16.63
N THR A 281 -9.69 17.88 17.67
CA THR A 281 -9.13 16.83 18.50
C THR A 281 -10.20 15.79 18.79
N TYR A 282 -9.77 14.63 19.29
CA TYR A 282 -10.71 13.75 19.96
C TYR A 282 -11.26 14.45 21.21
N LYS A 283 -12.43 13.99 21.66
CA LYS A 283 -13.06 14.54 22.84
C LYS A 283 -12.55 13.81 24.09
N GLU A 284 -12.17 14.59 25.12
CA GLU A 284 -11.87 14.01 26.43
C GLU A 284 -13.16 13.47 27.04
N PRO A 285 -13.25 12.20 27.39
CA PRO A 285 -14.41 11.71 28.14
C PRO A 285 -14.65 12.58 29.36
N ASP A 286 -15.90 12.97 29.55
CA ASP A 286 -16.27 13.90 30.61
C ASP A 286 -16.82 13.20 31.85
N ASN A 287 -17.18 11.94 31.76
CA ASN A 287 -17.82 11.23 32.86
C ASN A 287 -16.86 11.04 34.04
N PRO A 288 -17.39 10.91 35.25
CA PRO A 288 -16.51 10.74 36.42
C PRO A 288 -15.74 9.43 36.44
N GLU A 289 -16.30 8.35 35.90
CA GLU A 289 -15.59 7.07 35.91
C GLU A 289 -14.27 7.16 35.15
N TYR A 290 -14.19 8.02 34.14
CA TYR A 290 -12.94 8.17 33.38
C TYR A 290 -11.83 8.68 34.29
N LEU A 291 -12.11 9.72 35.07
CA LEU A 291 -11.10 10.27 35.97
C LEU A 291 -10.66 9.24 37.01
N GLU A 292 -11.61 8.44 37.51
CA GLU A 292 -11.23 7.38 38.45
C GLU A 292 -10.35 6.34 37.77
N PHE A 293 -10.66 6.01 36.51
CA PHE A 293 -9.84 5.07 35.75
C PHE A 293 -8.43 5.60 35.58
N LEU A 294 -8.29 6.88 35.22
CA LEU A 294 -6.97 7.47 35.07
C LEU A 294 -6.14 7.32 36.34
N LYS A 295 -6.73 7.67 37.50
CA LYS A 295 -6.03 7.53 38.77
C LYS A 295 -5.53 6.10 38.98
N GLN A 296 -6.37 5.11 38.68
CA GLN A 296 -5.96 3.72 38.89
C GLN A 296 -4.97 3.26 37.84
N LEU A 297 -5.20 3.60 36.57
CA LEU A 297 -4.23 3.27 35.53
C LEU A 297 -2.86 3.84 35.89
N LYS A 298 -2.82 5.11 36.33
CA LYS A 298 -1.55 5.72 36.72
C LYS A 298 -0.87 4.92 37.82
N LEU A 299 -1.61 4.60 38.88
CA LEU A 299 -1.04 3.79 39.97
C LEU A 299 -0.52 2.46 39.44
N LEU A 300 -1.36 1.73 38.72
CA LEU A 300 -0.98 0.38 38.29
C LEU A 300 0.21 0.41 37.33
N ALA A 301 0.30 1.42 36.45
CA ALA A 301 1.39 1.48 35.49
C ALA A 301 2.72 1.79 36.17
N ASP A 302 2.69 2.62 37.21
CA ASP A 302 3.91 2.96 37.94
C ASP A 302 4.42 1.78 38.78
N LYS A 303 3.52 0.96 39.30
CA LYS A 303 3.86 -0.09 40.24
C LYS A 303 4.26 -1.38 39.53
N LYS A 304 3.40 -1.90 38.67
CA LYS A 304 3.63 -3.18 38.02
C LYS A 304 4.26 -3.08 36.64
N PHE A 305 4.41 -1.86 36.10
CA PHE A 305 4.95 -1.70 34.77
C PHE A 305 6.11 -0.71 34.70
N ASN A 306 6.46 -0.05 35.82
CA ASN A 306 7.58 0.88 35.87
C ASN A 306 7.46 1.96 34.81
N PHE A 307 6.22 2.37 34.54
CA PHE A 307 5.93 3.41 33.57
C PHE A 307 5.08 4.49 34.23
N THR A 308 5.27 5.73 33.77
CA THR A 308 4.58 6.90 34.32
C THR A 308 3.59 7.41 33.27
N VAL A 309 2.30 7.21 33.52
CA VAL A 309 1.27 7.58 32.56
C VAL A 309 0.90 9.04 32.77
N GLU A 310 1.29 9.87 31.82
CA GLU A 310 0.97 11.28 31.84
C GLU A 310 -0.42 11.54 31.28
N ASP A 311 -1.01 12.65 31.69
CA ASP A 311 -2.32 13.04 31.22
C ASP A 311 -2.26 13.43 29.74
N GLY A 312 -3.38 13.25 29.07
CA GLY A 312 -3.50 13.63 27.67
C GLY A 312 -4.49 12.73 26.97
N LEU A 313 -4.93 13.20 25.79
CA LEU A 313 -5.93 12.47 25.03
C LEU A 313 -5.48 11.06 24.65
N LYS A 314 -4.16 10.79 24.62
CA LYS A 314 -3.69 9.46 24.26
C LYS A 314 -4.24 8.39 25.19
N ASN A 315 -4.64 8.78 26.40
CA ASN A 315 -5.16 7.82 27.36
C ASN A 315 -6.52 7.25 26.97
N ILE A 316 -7.23 7.87 26.01
CA ILE A 316 -8.49 7.26 25.57
C ILE A 316 -8.23 5.92 24.89
N ILE A 317 -7.01 5.66 24.43
CA ILE A 317 -6.71 4.37 23.78
C ILE A 317 -6.69 3.27 24.84
N PRO A 318 -5.86 3.33 25.88
CA PRO A 318 -5.94 2.27 26.91
C PRO A 318 -7.30 2.24 27.63
N ALA A 319 -7.95 3.40 27.78
CA ALA A 319 -9.31 3.39 28.28
C ALA A 319 -10.24 2.60 27.36
N SER A 320 -10.08 2.76 26.04
CA SER A 320 -10.94 2.05 25.09
C SER A 320 -10.60 0.56 24.97
N PHE A 321 -9.32 0.19 25.14
CA PHE A 321 -8.99 -1.22 25.26
C PHE A 321 -9.70 -1.82 26.48
N HIS A 322 -9.63 -1.11 27.60
CA HIS A 322 -10.31 -1.53 28.84
C HIS A 322 -11.80 -1.73 28.61
N ASP A 323 -12.46 -0.76 28.00
CA ASP A 323 -13.89 -0.87 27.76
C ASP A 323 -14.21 -1.92 26.69
N GLY A 324 -13.41 -1.99 25.63
CA GLY A 324 -13.64 -3.00 24.61
C GLY A 324 -13.55 -4.41 25.17
N LEU A 325 -12.61 -4.61 26.09
CA LEU A 325 -12.44 -5.92 26.70
C LEU A 325 -13.67 -6.32 27.51
N LEU A 326 -14.16 -5.41 28.35
CA LEU A 326 -15.36 -5.70 29.13
C LEU A 326 -16.56 -5.93 28.22
N LEU A 327 -16.70 -5.10 27.17
CA LEU A 327 -17.74 -5.30 26.19
C LEU A 327 -17.70 -6.72 25.63
N TYR A 328 -16.49 -7.22 25.35
CA TYR A 328 -16.33 -8.57 24.82
C TYR A 328 -16.73 -9.63 25.85
N VAL A 329 -16.29 -9.47 27.11
CA VAL A 329 -16.62 -10.46 28.14
C VAL A 329 -18.13 -10.52 28.36
N GLN A 330 -18.79 -9.37 28.31
CA GLN A 330 -20.25 -9.37 28.34
C GLN A 330 -20.81 -10.22 27.21
N ALA A 331 -20.36 -9.99 25.97
CA ALA A 331 -20.85 -10.76 24.82
C ALA A 331 -20.57 -12.24 24.99
N VAL A 332 -19.36 -12.59 25.43
CA VAL A 332 -19.03 -13.99 25.68
C VAL A 332 -19.95 -14.56 26.74
N THR A 333 -20.20 -13.80 27.81
CA THR A 333 -21.11 -14.25 28.86
C THR A 333 -22.51 -14.50 28.30
N GLU A 334 -23.02 -13.55 27.51
CA GLU A 334 -24.31 -13.77 26.87
C GLU A 334 -24.28 -14.93 25.89
N THR A 335 -23.16 -15.12 25.18
CA THR A 335 -23.06 -16.21 24.24
C THR A 335 -23.11 -17.55 24.96
N LEU A 336 -22.31 -17.69 26.03
CA LEU A 336 -22.38 -18.88 26.86
C LEU A 336 -23.79 -19.06 27.42
N ALA A 337 -24.46 -17.94 27.71
CA ALA A 337 -25.79 -17.97 28.34
C ALA A 337 -26.87 -18.49 27.41
N GLN A 338 -26.63 -18.57 26.11
CA GLN A 338 -27.62 -19.12 25.19
C GLN A 338 -27.09 -20.36 24.49
N GLY A 339 -26.22 -21.10 25.18
CA GLY A 339 -25.68 -22.33 24.67
C GLY A 339 -24.41 -22.20 23.86
N GLY A 340 -23.96 -20.98 23.59
CA GLY A 340 -22.77 -20.78 22.78
C GLY A 340 -21.51 -21.17 23.52
N THR A 341 -20.39 -20.89 22.88
CA THR A 341 -19.07 -21.18 23.43
C THR A 341 -18.16 -19.99 23.17
N VAL A 342 -16.96 -20.04 23.78
CA VAL A 342 -16.02 -18.93 23.68
C VAL A 342 -15.31 -18.90 22.35
N THR A 343 -15.60 -19.85 21.45
CA THR A 343 -15.03 -19.88 20.11
C THR A 343 -16.08 -19.63 19.04
N ASP A 344 -17.24 -19.10 19.43
CA ASP A 344 -18.26 -18.73 18.45
C ASP A 344 -18.07 -17.26 18.06
N GLY A 345 -16.98 -17.03 17.33
CA GLY A 345 -16.59 -15.68 16.99
C GLY A 345 -17.69 -14.84 16.36
N GLU A 346 -18.44 -15.44 15.43
CA GLU A 346 -19.49 -14.69 14.74
C GLU A 346 -20.57 -14.24 15.71
N ASN A 347 -21.08 -15.17 16.54
CA ASN A 347 -22.13 -14.83 17.50
C ASN A 347 -21.63 -13.79 18.51
N ILE A 348 -20.43 -14.02 19.06
CA ILE A 348 -19.81 -13.06 19.98
C ILE A 348 -19.68 -11.70 19.32
N THR A 349 -19.20 -11.67 18.08
CA THR A 349 -18.99 -10.40 17.38
C THR A 349 -20.32 -9.67 17.14
N GLN A 350 -21.35 -10.37 16.66
CA GLN A 350 -22.64 -9.71 16.40
C GLN A 350 -23.31 -9.21 17.68
N ARG A 351 -23.03 -9.86 18.82
CA ARG A 351 -23.50 -9.34 20.09
C ARG A 351 -22.83 -8.01 20.41
N MET A 352 -21.55 -7.88 20.07
CA MET A 352 -20.84 -6.63 20.32
C MET A 352 -21.22 -5.55 19.34
N TRP A 353 -21.69 -5.91 18.16
CA TRP A 353 -21.93 -4.93 17.12
C TRP A 353 -23.35 -4.37 17.19
N ASN A 354 -23.48 -3.12 16.73
CA ASN A 354 -24.75 -2.38 16.79
C ASN A 354 -25.29 -2.36 18.22
N ARG A 355 -24.44 -1.93 19.15
CA ARG A 355 -24.74 -2.01 20.58
C ARG A 355 -24.11 -0.84 21.31
N SER A 356 -24.84 -0.27 22.26
CA SER A 356 -24.35 0.78 23.15
C SER A 356 -23.92 0.17 24.47
N PHE A 357 -22.95 0.82 25.11
CA PHE A 357 -22.31 0.25 26.27
C PHE A 357 -21.88 1.39 27.19
N GLN A 358 -21.75 1.09 28.47
CA GLN A 358 -21.27 2.04 29.47
C GLN A 358 -19.91 1.60 29.98
N GLY A 359 -18.89 2.43 29.77
CA GLY A 359 -17.55 2.11 30.23
C GLY A 359 -16.84 3.29 30.84
N VAL A 360 -15.57 3.11 31.21
CA VAL A 360 -14.82 4.21 31.80
C VAL A 360 -14.78 5.41 30.87
N THR A 361 -14.87 5.20 29.55
CA THR A 361 -14.99 6.32 28.63
C THR A 361 -16.42 6.86 28.55
N GLY A 362 -17.33 6.33 29.34
CA GLY A 362 -18.72 6.76 29.28
C GLY A 362 -19.54 6.03 28.24
N TYR A 363 -20.49 6.74 27.65
CA TYR A 363 -21.27 6.19 26.55
C TYR A 363 -20.34 5.84 25.39
N LEU A 364 -20.42 4.59 24.92
CA LEU A 364 -19.73 4.22 23.71
C LEU A 364 -20.61 3.31 22.87
N LYS A 365 -20.69 3.61 21.57
CA LYS A 365 -21.54 2.89 20.62
C LYS A 365 -20.67 2.19 19.60
N ILE A 366 -20.83 0.87 19.47
CA ILE A 366 -20.28 0.12 18.35
C ILE A 366 -21.33 0.15 17.25
N ASP A 367 -20.97 0.67 16.08
CA ASP A 367 -21.96 0.78 15.01
C ASP A 367 -22.18 -0.56 14.34
N ARG A 368 -22.98 -0.57 13.27
CA ARG A 368 -23.28 -1.82 12.57
C ARG A 368 -22.04 -2.41 11.90
N ASN A 369 -21.05 -1.58 11.61
CA ASN A 369 -19.81 -2.02 10.99
C ASN A 369 -18.79 -2.54 12.00
N GLY A 370 -19.13 -2.54 13.30
CA GLY A 370 -18.21 -3.00 14.31
C GLY A 370 -17.18 -1.98 14.74
N ASP A 371 -17.41 -0.71 14.47
CA ASP A 371 -16.48 0.35 14.84
C ASP A 371 -17.13 1.30 15.83
N ARG A 372 -16.39 1.72 16.84
CA ARG A 372 -16.92 2.65 17.82
C ARG A 372 -17.14 4.02 17.18
N ASP A 373 -18.33 4.58 17.39
CA ASP A 373 -18.56 5.98 17.06
C ASP A 373 -17.60 6.87 17.86
N THR A 374 -17.09 7.92 17.22
CA THR A 374 -16.05 8.73 17.83
C THR A 374 -16.49 10.16 18.02
N ASP A 375 -16.36 10.65 19.25
CA ASP A 375 -16.68 12.03 19.57
C ASP A 375 -15.48 12.93 19.35
N PHE A 376 -15.72 14.14 18.83
CA PHE A 376 -14.68 15.12 18.52
C PHE A 376 -14.98 16.45 19.18
N SER A 377 -13.92 17.14 19.61
CA SER A 377 -14.00 18.51 20.11
C SER A 377 -13.39 19.45 19.08
N LEU A 378 -13.74 20.74 19.20
CA LEU A 378 -13.17 21.77 18.36
C LEU A 378 -12.69 22.91 19.24
N TRP A 379 -11.40 23.22 19.12
CA TRP A 379 -10.81 24.27 19.93
C TRP A 379 -10.72 25.55 19.13
N ASP A 380 -10.69 26.66 19.87
CA ASP A 380 -10.73 27.99 19.29
C ASP A 380 -10.27 28.96 20.37
N MET A 381 -9.55 30.00 19.96
CA MET A 381 -9.10 31.02 20.91
C MET A 381 -10.15 32.11 21.06
N ASP A 382 -10.31 32.59 22.28
CA ASP A 382 -11.02 33.86 22.24
C ASP A 382 -10.02 35.00 22.08
N PRO A 383 -10.40 36.10 21.42
CA PRO A 383 -9.44 37.18 21.20
C PRO A 383 -8.93 37.82 22.47
N GLU A 384 -9.57 37.56 23.62
CA GLU A 384 -9.24 38.23 24.88
C GLU A 384 -7.84 37.85 25.37
N THR A 385 -7.64 36.59 25.73
CA THR A 385 -6.33 36.12 26.18
C THR A 385 -5.58 35.33 25.11
N GLY A 386 -6.22 35.05 23.97
CA GLY A 386 -5.58 34.22 22.96
C GLY A 386 -5.46 32.76 23.33
N ALA A 387 -6.08 32.32 24.42
CA ALA A 387 -6.04 30.92 24.82
C ALA A 387 -7.11 30.14 24.08
N PHE A 388 -6.77 28.91 23.70
CA PHE A 388 -7.68 28.03 22.97
C PHE A 388 -8.49 27.20 23.94
N ARG A 389 -9.79 27.07 23.67
CA ARG A 389 -10.67 26.29 24.50
C ARG A 389 -11.70 25.58 23.63
N VAL A 390 -12.24 24.47 24.15
CA VAL A 390 -13.31 23.78 23.44
C VAL A 390 -14.52 24.69 23.35
N VAL A 391 -15.01 24.89 22.14
CA VAL A 391 -16.20 25.69 21.90
C VAL A 391 -17.31 24.91 21.21
N LEU A 392 -17.00 23.73 20.65
CA LEU A 392 -17.95 22.88 19.98
C LEU A 392 -17.59 21.42 20.24
N ASN A 393 -18.62 20.58 20.38
CA ASN A 393 -18.43 19.16 20.59
C ASN A 393 -19.25 18.40 19.55
N TYR A 394 -18.77 17.22 19.18
CA TYR A 394 -19.44 16.39 18.20
C TYR A 394 -19.70 15.02 18.82
N ASN A 395 -20.95 14.61 18.79
CA ASN A 395 -21.35 13.32 19.32
C ASN A 395 -21.50 12.38 18.13
N GLY A 396 -20.53 11.48 17.96
CA GLY A 396 -20.49 10.64 16.76
C GLY A 396 -21.68 9.72 16.59
N THR A 397 -22.36 9.35 17.68
CA THR A 397 -23.50 8.44 17.59
C THR A 397 -24.76 9.15 17.13
N SER A 398 -25.00 10.36 17.63
CA SER A 398 -26.10 11.18 17.14
C SER A 398 -25.70 12.12 16.01
N GLN A 399 -24.40 12.25 15.74
CA GLN A 399 -23.89 13.14 14.70
C GLN A 399 -24.34 14.59 14.91
N GLU A 400 -24.15 15.08 16.14
CA GLU A 400 -24.60 16.40 16.53
C GLU A 400 -23.42 17.27 16.98
N LEU A 401 -23.43 18.52 16.53
CA LEU A 401 -22.57 19.56 17.05
C LEU A 401 -23.34 20.39 18.07
N MET A 402 -22.77 20.55 19.26
CA MET A 402 -23.41 21.30 20.33
C MET A 402 -22.40 22.25 20.96
N ALA A 403 -22.81 23.50 21.18
CA ALA A 403 -21.92 24.51 21.73
C ALA A 403 -21.52 24.15 23.16
N VAL A 404 -20.34 24.59 23.56
CA VAL A 404 -19.69 24.12 24.78
C VAL A 404 -19.49 25.30 25.70
N SER A 405 -20.06 25.20 26.91
CA SER A 405 -19.92 26.24 27.93
C SER A 405 -20.36 27.60 27.40
N GLU A 406 -21.40 27.58 26.55
CA GLU A 406 -21.97 28.78 25.94
C GLU A 406 -20.94 29.56 25.12
N HIS A 407 -19.83 28.94 24.76
CA HIS A 407 -18.82 29.61 23.95
C HIS A 407 -19.29 29.74 22.52
N LYS A 408 -18.63 30.63 21.77
CA LYS A 408 -18.92 30.81 20.36
C LYS A 408 -17.65 30.65 19.54
N LEU A 409 -17.81 30.10 18.33
CA LEU A 409 -16.70 29.93 17.40
C LEU A 409 -16.21 31.31 16.97
N TYR A 410 -15.03 31.70 17.46
CA TYR A 410 -14.48 33.02 17.16
C TYR A 410 -14.18 33.17 15.67
N TRP A 411 -14.76 34.20 15.06
CA TRP A 411 -14.47 34.58 13.69
C TRP A 411 -13.95 36.01 13.66
N PRO A 412 -12.83 36.28 12.98
CA PRO A 412 -12.36 37.67 12.89
C PRO A 412 -13.35 38.58 12.19
N LEU A 413 -14.18 38.04 11.30
CA LEU A 413 -15.15 38.85 10.59
C LEU A 413 -16.48 38.97 11.32
N GLY A 414 -16.80 38.00 12.19
CA GLY A 414 -18.12 37.87 12.78
C GLY A 414 -18.83 36.60 12.34
N TYR A 415 -18.50 36.09 11.17
CA TYR A 415 -19.07 34.85 10.66
C TYR A 415 -18.01 34.11 9.87
N PRO A 416 -18.20 32.82 9.60
CA PRO A 416 -17.19 32.04 8.87
C PRO A 416 -17.02 32.56 7.46
N PRO A 417 -15.78 32.58 6.95
CA PRO A 417 -15.57 33.03 5.58
C PRO A 417 -16.04 31.97 4.59
N PRO A 418 -16.40 32.37 3.37
CA PRO A 418 -16.89 31.38 2.40
C PRO A 418 -15.76 30.56 1.82
N ASP A 419 -16.06 29.27 1.60
CA ASP A 419 -15.04 28.34 1.10
C ASP A 419 -14.50 28.77 -0.27
N VAL A 420 -15.25 29.56 -1.01
CA VAL A 420 -14.77 30.16 -2.25
C VAL A 420 -14.62 31.65 -2.02
N PRO A 421 -13.56 32.31 -2.55
CA PRO A 421 -13.46 33.77 -2.41
C PRO A 421 -14.50 34.52 -3.25
N LYS A 422 -14.49 35.86 -3.17
CA LYS A 422 -15.47 36.67 -3.89
C LYS A 422 -15.46 36.36 -5.38
N CYS A 423 -14.31 36.48 -6.00
CA CYS A 423 -14.10 35.98 -7.36
C CYS A 423 -13.67 34.51 -7.27
N GLY A 424 -12.97 34.02 -8.28
CA GLY A 424 -12.33 32.73 -8.16
C GLY A 424 -11.02 32.83 -7.41
N PHE A 425 -10.38 31.69 -7.22
CA PHE A 425 -9.07 31.68 -6.59
C PHE A 425 -8.01 32.36 -7.44
N ASP A 426 -8.31 32.67 -8.71
CA ASP A 426 -7.35 33.27 -9.63
C ASP A 426 -7.15 34.76 -9.40
N SER B 1 22.66 -34.12 3.83
CA SER B 1 22.59 -35.14 2.79
C SER B 1 21.41 -34.89 1.85
N ASP B 2 20.45 -34.07 2.29
CA ASP B 2 19.34 -33.68 1.44
C ASP B 2 18.97 -32.23 1.71
N LEU B 3 18.43 -31.57 0.69
CA LEU B 3 18.20 -30.13 0.70
C LEU B 3 16.74 -29.89 0.37
N THR B 4 15.99 -29.31 1.31
CA THR B 4 14.56 -29.11 1.15
C THR B 4 14.25 -27.72 0.62
N VAL B 5 13.44 -27.68 -0.44
CA VAL B 5 13.08 -26.46 -1.16
C VAL B 5 11.60 -26.23 -0.92
N ALA B 6 11.26 -25.18 -0.20
CA ALA B 6 9.85 -24.85 0.02
C ALA B 6 9.34 -24.01 -1.14
N VAL B 7 8.17 -24.39 -1.68
CA VAL B 7 7.54 -23.68 -2.79
C VAL B 7 6.27 -23.03 -2.28
N VAL B 8 6.07 -21.76 -2.62
CA VAL B 8 4.82 -21.05 -2.36
C VAL B 8 4.41 -20.40 -3.66
N LEU B 9 3.48 -21.01 -4.37
CA LEU B 9 3.02 -20.55 -5.67
C LEU B 9 1.57 -20.96 -5.81
N PRO B 10 0.87 -20.48 -6.86
CA PRO B 10 -0.50 -20.98 -7.10
C PRO B 10 -0.51 -22.46 -7.50
N LEU B 11 -0.83 -23.34 -6.54
CA LEU B 11 -0.71 -24.77 -6.77
C LEU B 11 -1.87 -25.35 -7.55
N THR B 12 -2.93 -24.60 -7.75
CA THR B 12 -4.19 -25.06 -8.33
C THR B 12 -4.67 -24.14 -9.44
N ASN B 13 -4.49 -22.84 -9.29
CA ASN B 13 -4.89 -21.93 -10.34
C ASN B 13 -3.82 -21.94 -11.43
N THR B 14 -4.20 -22.29 -12.65
CA THR B 14 -3.24 -22.42 -13.75
C THR B 14 -3.13 -21.15 -14.60
N SER B 15 -3.74 -20.04 -14.18
CA SER B 15 -3.81 -18.82 -14.96
C SER B 15 -2.57 -17.95 -14.87
N TYR B 16 -1.73 -18.18 -13.91
CA TYR B 16 -0.60 -17.28 -13.68
C TYR B 16 0.64 -17.73 -14.46
N PRO B 17 1.48 -16.78 -14.86
CA PRO B 17 2.76 -17.20 -15.48
C PRO B 17 3.61 -18.03 -14.55
N TRP B 18 3.47 -17.85 -13.24
CA TRP B 18 4.17 -18.63 -12.24
C TRP B 18 3.30 -19.71 -11.59
N SER B 19 2.18 -20.06 -12.24
CA SER B 19 1.36 -21.18 -11.75
C SER B 19 2.20 -22.47 -11.67
N TRP B 20 1.84 -23.31 -10.70
CA TRP B 20 2.61 -24.53 -10.49
C TRP B 20 2.48 -25.49 -11.68
N ALA B 21 1.33 -25.51 -12.35
CA ALA B 21 1.18 -26.37 -13.52
C ALA B 21 2.19 -26.06 -14.59
N ARG B 22 2.84 -24.92 -14.48
CA ARG B 22 3.80 -24.42 -15.45
C ARG B 22 5.20 -24.26 -14.85
N VAL B 23 5.31 -23.95 -13.57
CA VAL B 23 6.60 -23.85 -12.90
C VAL B 23 7.02 -25.20 -12.34
N GLY B 24 6.08 -26.01 -11.89
CA GLY B 24 6.34 -27.37 -11.47
C GLY B 24 7.18 -28.19 -12.43
N PRO B 25 6.74 -28.32 -13.69
CA PRO B 25 7.52 -29.12 -14.65
C PRO B 25 8.87 -28.51 -14.96
N ALA B 26 8.96 -27.17 -14.99
CA ALA B 26 10.26 -26.54 -15.17
C ALA B 26 11.19 -26.89 -14.01
N VAL B 27 10.67 -26.90 -12.78
CA VAL B 27 11.47 -27.21 -11.61
C VAL B 27 11.84 -28.69 -11.59
N GLU B 28 10.92 -29.56 -12.03
CA GLU B 28 11.24 -30.98 -12.15
C GLU B 28 12.34 -31.20 -13.17
N LEU B 29 12.26 -30.51 -14.33
CA LEU B 29 13.34 -30.57 -15.30
C LEU B 29 14.66 -30.11 -14.68
N ALA B 30 14.62 -28.99 -13.95
CA ALA B 30 15.83 -28.47 -13.33
C ALA B 30 16.44 -29.48 -12.37
N LEU B 31 15.61 -30.07 -11.51
CA LEU B 31 16.13 -31.04 -10.55
C LEU B 31 16.70 -32.26 -11.26
N ALA B 32 16.04 -32.71 -12.33
CA ALA B 32 16.57 -33.82 -13.11
C ALA B 32 17.98 -33.51 -13.61
N ARG B 33 18.24 -32.26 -13.99
CA ARG B 33 19.57 -31.91 -14.49
C ARG B 33 20.58 -31.82 -13.36
N VAL B 34 20.17 -31.48 -12.14
CA VAL B 34 21.08 -31.49 -11.01
C VAL B 34 21.57 -32.92 -10.75
N LYS B 35 20.64 -33.89 -10.82
CA LYS B 35 21.01 -35.29 -10.70
C LYS B 35 22.08 -35.65 -11.71
N ALA B 36 21.82 -35.36 -13.00
CA ALA B 36 22.73 -35.76 -14.07
C ALA B 36 24.12 -35.14 -13.90
N ARG B 37 24.21 -33.98 -13.25
CA ARG B 37 25.47 -33.26 -13.16
C ARG B 37 26.23 -33.69 -11.91
N PRO B 38 27.33 -34.43 -12.03
CA PRO B 38 28.13 -34.76 -10.85
C PRO B 38 28.89 -33.58 -10.29
N ASP B 39 28.84 -32.41 -10.95
CA ASP B 39 29.47 -31.20 -10.45
C ASP B 39 28.51 -30.32 -9.65
N LEU B 40 27.23 -30.67 -9.56
CA LEU B 40 26.23 -29.92 -8.82
C LEU B 40 25.68 -30.79 -7.71
N LEU B 41 25.91 -30.37 -6.45
CA LEU B 41 25.41 -31.02 -5.24
C LEU B 41 25.47 -32.54 -5.35
N PRO B 42 26.66 -33.14 -5.36
CA PRO B 42 26.75 -34.59 -5.59
C PRO B 42 26.24 -35.37 -4.40
N GLY B 43 25.39 -36.37 -4.68
CA GLY B 43 24.83 -37.22 -3.65
C GLY B 43 23.61 -36.67 -2.91
N TRP B 44 23.45 -35.34 -2.86
CA TRP B 44 22.30 -34.76 -2.18
C TRP B 44 21.00 -35.11 -2.89
N THR B 45 19.94 -35.26 -2.12
CA THR B 45 18.59 -35.48 -2.65
C THR B 45 17.77 -34.23 -2.33
N VAL B 46 17.60 -33.39 -3.35
CA VAL B 46 16.85 -32.13 -3.20
C VAL B 46 15.37 -32.46 -3.08
N ARG B 47 14.77 -32.05 -1.96
CA ARG B 47 13.36 -32.33 -1.70
C ARG B 47 12.53 -31.08 -1.87
N MET B 48 11.30 -31.27 -2.35
CA MET B 48 10.38 -30.17 -2.63
C MET B 48 9.15 -30.33 -1.73
N VAL B 49 8.87 -29.31 -0.93
CA VAL B 49 7.66 -29.23 -0.14
C VAL B 49 6.87 -28.03 -0.65
N LEU B 50 5.56 -28.23 -0.84
CA LEU B 50 4.74 -27.27 -1.54
C LEU B 50 3.73 -26.62 -0.60
N GLY B 51 3.48 -25.34 -0.83
CA GLY B 51 2.37 -24.63 -0.20
C GLY B 51 1.78 -23.66 -1.20
N SER B 52 0.48 -23.44 -1.08
CA SER B 52 -0.23 -22.65 -2.06
C SER B 52 -0.39 -21.20 -1.59
N SER B 53 -0.15 -20.30 -2.52
CA SER B 53 -0.27 -18.87 -2.26
C SER B 53 -1.68 -18.37 -2.47
N GLU B 54 -2.61 -19.24 -2.87
CA GLU B 54 -3.90 -18.75 -3.31
C GLU B 54 -4.93 -18.93 -2.20
N ASN B 55 -5.94 -18.06 -2.20
CA ASN B 55 -6.96 -18.05 -1.17
C ASN B 55 -8.09 -19.00 -1.54
N ALA B 56 -9.22 -18.90 -0.82
CA ALA B 56 -10.35 -19.78 -1.09
C ALA B 56 -10.93 -19.56 -2.49
N ALA B 57 -10.93 -18.32 -2.96
CA ALA B 57 -11.41 -18.04 -4.31
C ALA B 57 -10.46 -18.51 -5.40
N GLY B 58 -9.24 -18.91 -5.07
CA GLY B 58 -8.29 -19.42 -6.05
C GLY B 58 -7.27 -18.42 -6.57
N VAL B 59 -7.36 -17.13 -6.19
CA VAL B 59 -6.39 -16.15 -6.64
C VAL B 59 -5.32 -15.99 -5.57
N CYS B 60 -4.14 -15.55 -6.00
CA CYS B 60 -3.02 -15.39 -5.08
C CYS B 60 -3.35 -14.29 -4.07
N SER B 61 -2.94 -14.50 -2.82
CA SER B 61 -3.44 -13.71 -1.72
C SER B 61 -2.29 -13.23 -0.85
N ASP B 62 -2.46 -12.00 -0.31
CA ASP B 62 -1.57 -11.46 0.72
C ASP B 62 -1.69 -12.20 2.05
N THR B 63 -2.57 -13.19 2.17
CA THR B 63 -2.79 -13.91 3.42
C THR B 63 -2.53 -15.41 3.31
N ALA B 64 -3.04 -16.07 2.28
CA ALA B 64 -2.72 -17.49 2.08
C ALA B 64 -1.21 -17.71 1.95
N ALA B 65 -0.54 -16.84 1.20
CA ALA B 65 0.88 -17.09 0.90
C ALA B 65 1.75 -16.98 2.14
N PRO B 66 1.70 -15.89 2.94
CA PRO B 66 2.50 -15.88 4.18
C PRO B 66 2.12 -16.98 5.17
N LEU B 67 0.84 -17.33 5.29
CA LEU B 67 0.45 -18.45 6.13
C LEU B 67 1.10 -19.75 5.65
N ALA B 68 1.02 -20.02 4.33
CA ALA B 68 1.68 -21.20 3.78
C ALA B 68 3.18 -21.19 4.01
N ALA B 69 3.80 -20.01 4.01
CA ALA B 69 5.23 -19.93 4.24
C ALA B 69 5.58 -20.35 5.67
N VAL B 70 4.90 -19.77 6.67
CA VAL B 70 5.13 -20.17 8.06
C VAL B 70 4.91 -21.66 8.22
N ASP B 71 3.85 -22.18 7.60
CA ASP B 71 3.54 -23.59 7.68
C ASP B 71 4.69 -24.45 7.18
N LEU B 72 5.30 -24.06 6.06
CA LEU B 72 6.44 -24.82 5.54
C LEU B 72 7.70 -24.59 6.36
N LYS B 73 7.84 -23.42 6.99
CA LYS B 73 9.09 -23.15 7.71
C LYS B 73 9.17 -24.00 8.99
N TRP B 74 8.05 -24.21 9.66
N TRP B 74 8.05 -24.18 9.66
CA TRP B 74 8.07 -24.97 10.90
CA TRP B 74 7.98 -24.94 10.89
C TRP B 74 7.90 -26.47 10.67
C TRP B 74 7.97 -26.44 10.61
N GLU B 75 7.21 -26.86 9.60
CA GLU B 75 7.03 -28.28 9.34
C GLU B 75 8.28 -28.93 8.73
N HIS B 76 9.01 -28.20 7.89
CA HIS B 76 10.08 -28.78 7.09
C HIS B 76 11.43 -28.06 7.18
N SER B 77 11.50 -26.90 7.82
CA SER B 77 12.71 -26.10 7.96
C SER B 77 13.53 -26.06 6.67
N PRO B 78 13.04 -25.41 5.63
CA PRO B 78 13.72 -25.49 4.32
C PRO B 78 14.93 -24.57 4.26
N ALA B 79 15.75 -24.81 3.24
CA ALA B 79 16.96 -24.02 3.02
C ALA B 79 16.75 -22.86 2.07
N VAL B 80 15.63 -22.86 1.34
CA VAL B 80 15.37 -21.86 0.31
C VAL B 80 13.88 -21.88 0.03
N PHE B 81 13.34 -20.73 -0.37
CA PHE B 81 11.97 -20.62 -0.81
C PHE B 81 11.93 -20.32 -2.30
N LEU B 82 10.96 -20.93 -2.98
CA LEU B 82 10.70 -20.70 -4.39
C LEU B 82 9.33 -20.04 -4.54
N GLY B 83 9.30 -18.85 -5.14
CA GLY B 83 8.08 -18.07 -5.20
C GLY B 83 7.91 -17.27 -3.92
N PRO B 84 6.81 -16.51 -3.79
CA PRO B 84 5.69 -16.38 -4.74
C PRO B 84 6.01 -15.47 -5.92
N GLY B 85 5.14 -15.53 -6.94
CA GLY B 85 5.22 -14.65 -8.08
C GLY B 85 4.33 -13.41 -8.00
N CYS B 86 3.17 -13.50 -7.34
CA CYS B 86 2.36 -12.29 -7.17
C CYS B 86 3.06 -11.31 -6.24
N VAL B 87 2.88 -10.01 -6.53
CA VAL B 87 3.50 -8.95 -5.72
C VAL B 87 2.97 -8.97 -4.29
N TYR B 88 1.65 -9.06 -4.14
CA TYR B 88 1.03 -8.99 -2.83
C TYR B 88 1.27 -10.26 -2.03
N SER B 89 1.45 -11.40 -2.71
CA SER B 89 1.89 -12.61 -2.05
C SER B 89 3.35 -12.53 -1.66
N ALA B 90 4.20 -12.00 -2.55
CA ALA B 90 5.64 -12.06 -2.32
C ALA B 90 6.10 -11.07 -1.26
N ALA B 91 5.42 -9.94 -1.11
CA ALA B 91 5.92 -8.95 -0.17
C ALA B 91 5.85 -9.43 1.27
N PRO B 92 4.73 -9.97 1.78
CA PRO B 92 4.78 -10.51 3.15
C PRO B 92 5.66 -11.75 3.27
N VAL B 93 5.62 -12.66 2.30
CA VAL B 93 6.50 -13.83 2.35
C VAL B 93 7.97 -13.41 2.31
N GLY B 94 8.31 -12.48 1.41
CA GLY B 94 9.68 -12.02 1.34
C GLY B 94 10.14 -11.37 2.64
N ARG B 95 9.22 -10.69 3.34
N ARG B 95 9.23 -10.67 3.32
CA ARG B 95 9.58 -10.10 4.63
CA ARG B 95 9.56 -10.10 4.63
C ARG B 95 9.78 -11.19 5.68
C ARG B 95 9.81 -11.20 5.65
N PHE B 96 8.99 -12.26 5.63
CA PHE B 96 9.22 -13.38 6.54
C PHE B 96 10.59 -14.03 6.27
N THR B 97 10.88 -14.33 5.00
CA THR B 97 12.11 -15.06 4.69
C THR B 97 13.35 -14.22 5.00
N ALA B 98 13.26 -12.90 4.83
CA ALA B 98 14.35 -12.03 5.28
C ALA B 98 14.57 -12.14 6.77
N HIS B 99 13.48 -12.15 7.56
CA HIS B 99 13.64 -12.25 9.02
C HIS B 99 14.17 -13.62 9.44
N TRP B 100 13.73 -14.68 8.76
CA TRP B 100 14.23 -16.03 8.98
C TRP B 100 15.65 -16.24 8.49
N ARG B 101 16.19 -15.31 7.68
CA ARG B 101 17.49 -15.43 7.02
C ARG B 101 17.55 -16.61 6.03
N VAL B 102 16.41 -16.99 5.47
CA VAL B 102 16.33 -18.05 4.48
C VAL B 102 16.29 -17.40 3.10
N PRO B 103 17.11 -17.84 2.15
CA PRO B 103 17.10 -17.24 0.81
C PRO B 103 15.78 -17.51 0.10
N LEU B 104 15.32 -16.51 -0.66
CA LEU B 104 14.11 -16.60 -1.45
C LEU B 104 14.45 -16.42 -2.93
N LEU B 105 13.88 -17.28 -3.78
CA LEU B 105 14.10 -17.25 -5.22
C LEU B 105 12.77 -17.13 -5.94
N THR B 106 12.67 -16.16 -6.86
CA THR B 106 11.44 -16.02 -7.61
C THR B 106 11.73 -15.36 -8.94
N ALA B 107 10.98 -15.77 -9.96
CA ALA B 107 10.99 -15.09 -11.24
C ALA B 107 9.82 -14.13 -11.38
N GLY B 108 9.01 -13.99 -10.33
CA GLY B 108 7.95 -13.01 -10.27
C GLY B 108 8.33 -11.85 -9.38
N ALA B 109 7.35 -11.34 -8.63
CA ALA B 109 7.54 -10.24 -7.70
C ALA B 109 8.33 -9.07 -8.30
N PRO B 110 7.97 -8.59 -9.50
CA PRO B 110 8.78 -7.55 -10.14
C PRO B 110 8.65 -6.15 -9.54
N ALA B 111 7.91 -5.95 -8.44
CA ALA B 111 7.56 -4.61 -7.98
C ALA B 111 8.79 -3.81 -7.52
N LEU B 112 8.66 -2.49 -7.59
CA LEU B 112 9.72 -1.59 -7.15
C LEU B 112 10.21 -1.90 -5.73
N GLY B 113 9.27 -2.15 -4.80
CA GLY B 113 9.65 -2.28 -3.41
C GLY B 113 10.38 -3.56 -3.05
N ILE B 114 10.09 -4.67 -3.74
CA ILE B 114 10.91 -5.87 -3.59
C ILE B 114 12.35 -5.55 -3.98
N GLY B 115 12.56 -4.50 -4.81
CA GLY B 115 13.90 -4.03 -5.12
C GLY B 115 14.70 -3.58 -3.92
N VAL B 116 14.04 -3.18 -2.83
CA VAL B 116 14.72 -2.72 -1.63
C VAL B 116 15.27 -3.90 -0.85
N LYS B 117 16.45 -4.39 -1.23
CA LYS B 117 16.94 -5.63 -0.65
C LYS B 117 17.41 -5.45 0.79
N ASP B 118 17.59 -4.21 1.25
CA ASP B 118 17.85 -4.00 2.66
C ASP B 118 16.67 -4.48 3.51
N GLU B 119 15.46 -4.39 2.96
CA GLU B 119 14.27 -5.00 3.55
C GLU B 119 14.09 -6.44 3.08
N TYR B 120 14.10 -6.67 1.76
CA TYR B 120 13.93 -8.01 1.19
C TYR B 120 15.28 -8.71 1.07
N ALA B 121 15.88 -8.92 2.24
CA ALA B 121 17.17 -9.57 2.32
C ALA B 121 17.08 -11.00 1.81
N LEU B 122 18.14 -11.44 1.14
CA LEU B 122 18.24 -12.79 0.61
C LEU B 122 17.11 -13.14 -0.36
N THR B 123 16.45 -12.12 -0.94
CA THR B 123 15.56 -12.31 -2.08
C THR B 123 16.35 -12.11 -3.36
N THR B 124 16.41 -13.15 -4.20
CA THR B 124 17.05 -13.08 -5.51
C THR B 124 15.97 -13.22 -6.57
N ARG B 125 15.86 -12.22 -7.45
CA ARG B 125 14.89 -12.21 -8.53
C ARG B 125 15.57 -12.58 -9.85
N THR B 126 15.18 -13.73 -10.40
CA THR B 126 15.77 -14.25 -11.62
C THR B 126 14.90 -14.05 -12.84
N GLY B 127 13.78 -13.33 -12.68
CA GLY B 127 12.96 -12.93 -13.79
C GLY B 127 12.96 -11.42 -13.91
N PRO B 128 11.99 -10.88 -14.63
CA PRO B 128 11.93 -9.43 -14.87
C PRO B 128 11.65 -8.58 -13.63
N SER B 129 12.19 -7.37 -13.64
CA SER B 129 11.87 -6.32 -12.68
C SER B 129 11.29 -5.15 -13.45
N HIS B 130 10.43 -4.39 -12.78
CA HIS B 130 9.81 -3.26 -13.43
C HIS B 130 10.71 -2.04 -13.47
N VAL B 131 11.69 -1.93 -12.57
CA VAL B 131 12.69 -0.89 -12.77
C VAL B 131 13.48 -1.15 -14.06
N LYS B 132 13.67 -2.43 -14.43
CA LYS B 132 14.37 -2.70 -15.68
C LYS B 132 13.62 -2.14 -16.87
N LEU B 133 12.29 -2.06 -16.79
CA LEU B 133 11.54 -1.39 -17.85
C LEU B 133 11.88 0.09 -17.92
N GLY B 134 12.00 0.74 -16.76
CA GLY B 134 12.53 2.09 -16.71
C GLY B 134 13.87 2.24 -17.42
N ASP B 135 14.76 1.23 -17.28
CA ASP B 135 16.05 1.26 -17.97
C ASP B 135 15.87 1.31 -19.49
N PHE B 136 14.96 0.48 -20.01
CA PHE B 136 14.69 0.44 -21.45
C PHE B 136 14.12 1.76 -21.94
N VAL B 137 13.09 2.27 -21.25
CA VAL B 137 12.49 3.54 -21.62
C VAL B 137 13.53 4.66 -21.61
N THR B 138 14.41 4.65 -20.60
CA THR B 138 15.51 5.61 -20.57
C THR B 138 16.37 5.52 -21.82
N ALA B 139 16.89 4.33 -22.10
CA ALA B 139 17.73 4.17 -23.28
C ALA B 139 16.97 4.53 -24.55
N LEU B 140 15.65 4.33 -24.56
CA LEU B 140 14.82 4.67 -25.69
C LEU B 140 14.77 6.18 -25.90
N HIS B 141 14.61 6.94 -24.81
CA HIS B 141 14.49 8.38 -24.94
C HIS B 141 15.82 9.01 -25.32
N ARG B 142 16.90 8.61 -24.64
CA ARG B 142 18.23 9.07 -24.99
C ARG B 142 18.54 8.78 -26.45
N ARG B 143 18.24 7.57 -26.90
CA ARG B 143 18.55 7.15 -28.26
C ARG B 143 17.48 7.54 -29.26
N LEU B 144 16.78 8.66 -29.03
CA LEU B 144 15.70 9.09 -29.92
C LEU B 144 15.36 10.55 -29.74
N GLY B 145 15.91 11.19 -28.70
CA GLY B 145 15.80 12.62 -28.56
C GLY B 145 14.61 13.14 -27.78
N TRP B 146 14.03 12.34 -26.90
CA TRP B 146 12.91 12.76 -26.05
C TRP B 146 13.46 13.04 -24.67
N GLU B 147 13.87 14.28 -24.43
CA GLU B 147 14.46 14.68 -23.18
C GLU B 147 13.54 15.57 -22.36
N HIS B 148 12.26 15.66 -22.71
CA HIS B 148 11.40 16.64 -22.07
C HIS B 148 10.20 16.03 -21.35
N GLN B 149 9.19 15.60 -22.11
CA GLN B 149 7.90 15.28 -21.53
C GLN B 149 7.37 13.96 -22.07
N ALA B 150 6.89 13.11 -21.16
CA ALA B 150 6.19 11.89 -21.52
C ALA B 150 4.95 11.76 -20.65
N LEU B 151 3.96 11.04 -21.18
CA LEU B 151 2.70 10.79 -20.50
C LEU B 151 2.50 9.28 -20.35
N VAL B 152 2.04 8.87 -19.17
CA VAL B 152 1.83 7.46 -18.87
C VAL B 152 0.39 7.26 -18.40
N LEU B 153 -0.36 6.45 -19.14
CA LEU B 153 -1.71 6.05 -18.74
C LEU B 153 -1.69 4.57 -18.37
N TYR B 154 -2.33 4.22 -17.26
CA TYR B 154 -2.33 2.83 -16.83
C TYR B 154 -3.69 2.49 -16.27
N ALA B 155 -4.18 1.33 -16.69
N ALA B 155 -4.09 1.22 -16.40
CA ALA B 155 -5.41 0.78 -16.15
CA ALA B 155 -5.34 0.77 -15.80
C ALA B 155 -5.13 0.30 -14.74
C ALA B 155 -5.19 -0.64 -15.27
N ASP B 156 -6.09 0.47 -13.86
N ASP B 156 -5.86 -0.93 -14.16
CA ASP B 156 -5.83 0.10 -12.50
CA ASP B 156 -5.97 -2.29 -13.65
C ASP B 156 -7.17 -0.09 -11.82
C ASP B 156 -7.43 -2.67 -13.50
N ARG B 157 -7.13 -0.81 -10.72
N ARG B 157 -7.66 -3.93 -13.11
CA ARG B 157 -8.33 -1.16 -9.98
CA ARG B 157 -8.99 -4.45 -12.85
C ARG B 157 -7.88 -1.50 -8.57
C ARG B 157 -9.12 -4.66 -11.35
N LEU B 158 -8.74 -2.20 -7.84
N LEU B 158 -10.10 -4.00 -10.74
CA LEU B 158 -8.35 -3.05 -6.73
CA LEU B 158 -10.25 -4.05 -9.29
C LEU B 158 -8.99 -4.41 -6.97
C LEU B 158 -10.28 -5.50 -8.80
N GLY B 159 -8.31 -5.47 -6.50
N GLY B 159 -9.39 -5.81 -7.86
CA GLY B 159 -8.90 -6.79 -6.66
CA GLY B 159 -9.30 -7.11 -7.24
C GLY B 159 -7.98 -7.79 -7.30
C GLY B 159 -8.02 -7.86 -7.55
N ASP B 160 -7.20 -7.36 -8.28
N ASP B 160 -7.26 -7.42 -8.54
CA ASP B 160 -6.15 -8.18 -8.83
CA ASP B 160 -6.12 -8.18 -9.03
C ASP B 160 -4.82 -7.77 -8.17
C ASP B 160 -4.87 -7.80 -8.25
N ASP B 161 -3.72 -8.11 -8.82
N ASP B 161 -3.71 -8.13 -8.83
CA ASP B 161 -2.39 -7.75 -8.34
CA ASP B 161 -2.41 -7.74 -8.30
C ASP B 161 -1.98 -6.36 -8.80
C ASP B 161 -1.99 -6.35 -8.76
N ARG B 162 -2.89 -5.60 -9.41
CA ARG B 162 -2.61 -4.27 -9.94
C ARG B 162 -1.33 -4.28 -10.79
N PRO B 163 -1.25 -5.13 -11.80
CA PRO B 163 0.04 -5.27 -12.49
C PRO B 163 0.44 -4.00 -13.22
N CYS B 164 -0.52 -3.28 -13.80
CA CYS B 164 -0.16 -2.06 -14.51
C CYS B 164 0.33 -0.97 -13.55
N PHE B 165 -0.19 -0.94 -12.31
CA PHE B 165 0.33 0.01 -11.34
C PHE B 165 1.80 -0.27 -11.03
N PHE B 166 2.14 -1.53 -10.80
CA PHE B 166 3.50 -1.87 -10.42
C PHE B 166 4.46 -1.75 -11.61
N ILE B 167 4.00 -2.09 -12.83
CA ILE B 167 4.75 -1.80 -14.04
C ILE B 167 5.05 -0.30 -14.14
N VAL B 168 4.01 0.52 -14.02
CA VAL B 168 4.17 1.95 -14.21
C VAL B 168 5.02 2.55 -13.10
N GLU B 169 4.79 2.10 -11.86
CA GLU B 169 5.61 2.56 -10.75
C GLU B 169 7.10 2.33 -11.05
N GLY B 170 7.43 1.13 -11.53
CA GLY B 170 8.82 0.83 -11.85
C GLY B 170 9.36 1.71 -12.96
N LEU B 171 8.61 1.83 -14.05
CA LEU B 171 8.98 2.75 -15.12
C LEU B 171 9.14 4.16 -14.58
N TYR B 172 8.12 4.67 -13.89
CA TYR B 172 8.11 6.06 -13.45
C TYR B 172 9.35 6.39 -12.61
N MET B 173 9.57 5.62 -11.54
CA MET B 173 10.66 5.95 -10.61
C MET B 173 12.02 5.81 -11.26
N ARG B 174 12.25 4.75 -12.04
CA ARG B 174 13.58 4.59 -12.62
C ARG B 174 13.85 5.61 -13.72
N VAL B 175 12.83 5.98 -14.48
CA VAL B 175 13.02 6.96 -15.55
C VAL B 175 13.34 8.33 -14.97
N ARG B 176 12.70 8.71 -13.87
CA ARG B 176 13.01 9.98 -13.24
C ARG B 176 14.26 9.90 -12.38
N GLU B 177 14.73 8.70 -12.07
CA GLU B 177 16.04 8.53 -11.44
C GLU B 177 17.16 8.84 -12.42
N ARG B 178 16.95 8.54 -13.70
CA ARG B 178 17.99 8.63 -14.73
C ARG B 178 17.85 9.87 -15.62
N LEU B 179 16.66 10.10 -16.19
CA LEU B 179 16.49 11.25 -17.06
C LEU B 179 16.01 12.48 -16.32
N ASN B 180 15.19 12.30 -15.28
CA ASN B 180 14.58 13.41 -14.56
C ASN B 180 13.91 14.40 -15.52
N ILE B 181 13.17 13.86 -16.49
CA ILE B 181 12.32 14.65 -17.34
C ILE B 181 10.90 14.55 -16.76
N THR B 182 9.97 15.33 -17.33
CA THR B 182 8.61 15.40 -16.79
C THR B 182 7.81 14.21 -17.30
N VAL B 183 7.35 13.37 -16.37
CA VAL B 183 6.58 12.17 -16.69
C VAL B 183 5.24 12.33 -15.98
N ASN B 184 4.19 12.65 -16.75
CA ASN B 184 2.87 12.68 -16.17
C ASN B 184 2.27 11.28 -16.15
N HIS B 185 1.39 11.04 -15.19
CA HIS B 185 0.78 9.72 -15.05
C HIS B 185 -0.66 9.83 -14.56
N GLN B 186 -1.56 9.08 -15.21
CA GLN B 186 -2.98 9.08 -14.90
C GLN B 186 -3.54 7.65 -14.90
N GLU B 187 -4.31 7.30 -13.87
N GLU B 187 -4.21 7.29 -13.83
CA GLU B 187 -4.92 5.98 -13.73
CA GLU B 187 -4.95 6.05 -13.80
C GLU B 187 -6.38 5.98 -14.17
C GLU B 187 -6.22 6.16 -14.64
N PHE B 188 -6.75 5.02 -15.03
CA PHE B 188 -8.12 4.93 -15.52
C PHE B 188 -8.65 3.54 -15.21
N VAL B 189 -9.97 3.39 -15.30
CA VAL B 189 -10.63 2.11 -15.11
C VAL B 189 -11.12 1.63 -16.46
N GLU B 190 -10.70 0.41 -16.84
CA GLU B 190 -10.86 0.01 -18.23
C GLU B 190 -12.33 -0.05 -18.64
N GLY B 191 -13.18 -0.64 -17.79
CA GLY B 191 -14.56 -0.82 -18.16
C GLY B 191 -15.48 0.38 -17.99
N ASP B 192 -14.92 1.55 -17.70
CA ASP B 192 -15.70 2.75 -17.40
C ASP B 192 -15.66 3.75 -18.55
N PRO B 193 -16.77 3.96 -19.27
CA PRO B 193 -16.72 4.89 -20.41
C PRO B 193 -16.44 6.32 -20.00
N ASP B 194 -16.76 6.69 -18.74
CA ASP B 194 -16.50 8.05 -18.26
C ASP B 194 -15.05 8.46 -18.47
N HIS B 195 -14.11 7.51 -18.38
CA HIS B 195 -12.70 7.85 -18.36
C HIS B 195 -12.12 8.11 -19.73
N TYR B 196 -12.82 7.76 -20.79
CA TYR B 196 -12.17 7.84 -22.10
C TYR B 196 -12.17 9.27 -22.63
N PRO B 197 -13.18 10.11 -22.35
CA PRO B 197 -13.00 11.54 -22.66
C PRO B 197 -11.83 12.15 -21.89
N LYS B 198 -11.75 11.84 -20.60
CA LYS B 198 -10.65 12.35 -19.78
C LYS B 198 -9.30 11.94 -20.35
N LEU B 199 -9.13 10.65 -20.67
CA LEU B 199 -7.87 10.17 -21.24
C LEU B 199 -7.51 10.89 -22.54
N LEU B 200 -8.40 10.84 -23.52
CA LEU B 200 -8.12 11.49 -24.80
C LEU B 200 -7.71 12.94 -24.59
N ARG B 201 -8.42 13.64 -23.71
CA ARG B 201 -8.11 15.04 -23.40
C ARG B 201 -6.72 15.16 -22.79
N ALA B 202 -6.30 14.19 -21.99
CA ALA B 202 -4.96 14.23 -21.43
C ALA B 202 -3.92 13.97 -22.50
N VAL B 203 -4.17 12.95 -23.33
CA VAL B 203 -3.27 12.60 -24.42
C VAL B 203 -2.86 13.83 -25.21
N ARG B 204 -3.81 14.74 -25.46
CA ARG B 204 -3.47 15.91 -26.25
C ARG B 204 -3.01 17.09 -25.41
N ARG B 205 -3.24 17.08 -24.10
CA ARG B 205 -2.79 18.18 -23.27
C ARG B 205 -1.55 17.85 -22.46
N LYS B 206 -1.13 16.60 -22.39
CA LYS B 206 -0.10 16.19 -21.45
C LYS B 206 1.14 15.54 -22.08
N GLY B 207 1.09 15.12 -23.33
CA GLY B 207 2.28 14.54 -23.92
C GLY B 207 2.12 14.22 -25.38
N ARG B 208 3.25 14.06 -26.06
CA ARG B 208 3.28 13.46 -27.37
C ARG B 208 3.93 12.09 -27.36
N VAL B 209 4.86 11.85 -26.43
CA VAL B 209 5.38 10.52 -26.17
C VAL B 209 4.52 9.91 -25.06
N ILE B 210 3.72 8.90 -25.43
CA ILE B 210 2.68 8.38 -24.56
C ILE B 210 2.89 6.88 -24.40
N TYR B 211 2.82 6.42 -23.14
CA TYR B 211 2.95 5.02 -22.76
C TYR B 211 1.65 4.57 -22.10
N ILE B 212 1.06 3.49 -22.61
CA ILE B 212 -0.21 2.96 -22.10
C ILE B 212 0.01 1.53 -21.61
N CYS B 213 -0.22 1.29 -20.33
CA CYS B 213 -0.30 -0.06 -19.78
C CYS B 213 -1.78 -0.40 -19.62
N SER B 214 -2.22 -1.45 -20.30
CA SER B 214 -3.64 -1.77 -20.34
C SER B 214 -3.81 -3.07 -21.11
N SER B 215 -5.04 -3.58 -21.08
CA SER B 215 -5.38 -4.73 -21.90
C SER B 215 -5.24 -4.38 -23.38
N PRO B 216 -5.02 -5.37 -24.23
CA PRO B 216 -4.95 -5.08 -25.68
C PRO B 216 -6.18 -4.36 -26.20
N ASP B 217 -7.39 -4.77 -25.78
CA ASP B 217 -8.61 -4.14 -26.28
C ASP B 217 -8.71 -2.67 -25.87
N ALA B 218 -8.34 -2.34 -24.64
CA ALA B 218 -8.35 -0.94 -24.25
C ALA B 218 -7.33 -0.13 -25.04
N PHE B 219 -6.13 -0.67 -25.22
CA PHE B 219 -5.14 0.04 -26.01
C PHE B 219 -5.65 0.24 -27.44
N ARG B 220 -6.36 -0.75 -27.97
CA ARG B 220 -6.92 -0.64 -29.32
C ARG B 220 -8.03 0.41 -29.37
N ASN B 221 -8.89 0.45 -28.34
CA ASN B 221 -9.96 1.45 -28.31
C ASN B 221 -9.40 2.86 -28.22
N LEU B 222 -8.34 3.05 -27.45
CA LEU B 222 -7.70 4.36 -27.38
C LEU B 222 -7.06 4.75 -28.73
N MET B 223 -6.55 3.79 -29.49
CA MET B 223 -5.97 4.13 -30.78
C MET B 223 -7.05 4.55 -31.77
N LEU B 224 -8.11 3.75 -31.85
CA LEU B 224 -9.25 4.10 -32.71
C LEU B 224 -9.79 5.48 -32.38
N LEU B 225 -9.87 5.83 -31.09
CA LEU B 225 -10.36 7.14 -30.71
C LEU B 225 -9.34 8.23 -31.03
N ALA B 226 -8.05 7.95 -30.85
CA ALA B 226 -7.03 8.93 -31.19
C ALA B 226 -7.05 9.23 -32.68
N LEU B 227 -7.20 8.19 -33.51
CA LEU B 227 -7.42 8.41 -34.93
C LEU B 227 -8.66 9.25 -35.17
N ASN B 228 -9.81 8.74 -34.70
CA ASN B 228 -11.07 9.47 -34.79
C ASN B 228 -10.94 10.93 -34.37
N ALA B 229 -10.01 11.23 -33.45
CA ALA B 229 -9.82 12.60 -32.96
C ALA B 229 -8.69 13.34 -33.66
N GLY B 230 -8.13 12.77 -34.72
CA GLY B 230 -7.06 13.42 -35.45
C GLY B 230 -5.70 13.40 -34.79
N LEU B 231 -5.35 12.28 -34.14
CA LEU B 231 -4.06 12.11 -33.47
C LEU B 231 -3.28 11.06 -34.27
N THR B 232 -2.32 11.52 -35.06
CA THR B 232 -1.59 10.69 -36.02
C THR B 232 -0.10 10.68 -35.69
N GLY B 233 0.60 9.72 -36.30
CA GLY B 233 2.01 9.46 -36.01
C GLY B 233 2.96 10.55 -36.46
N GLU B 234 2.47 11.55 -37.18
CA GLU B 234 3.29 12.73 -37.47
C GLU B 234 3.54 13.58 -36.24
N ASP B 235 2.84 13.31 -35.14
CA ASP B 235 2.94 14.15 -33.96
C ASP B 235 2.82 13.39 -32.65
N TYR B 236 2.34 12.14 -32.71
CA TYR B 236 2.18 11.30 -31.52
C TYR B 236 2.87 9.96 -31.73
N VAL B 237 3.21 9.32 -30.62
CA VAL B 237 3.68 7.95 -30.62
C VAL B 237 3.16 7.29 -29.36
N PHE B 238 2.41 6.21 -29.53
CA PHE B 238 1.77 5.47 -28.44
C PHE B 238 2.50 4.14 -28.24
N PHE B 239 3.11 3.97 -27.07
CA PHE B 239 3.75 2.71 -26.72
C PHE B 239 2.80 1.91 -25.84
N HIS B 240 2.44 0.70 -26.28
CA HIS B 240 1.67 -0.21 -25.43
C HIS B 240 2.65 -1.00 -24.57
N LEU B 241 2.58 -0.78 -23.26
CA LEU B 241 3.36 -1.55 -22.29
C LEU B 241 2.68 -2.91 -22.13
N ASP B 242 3.06 -3.86 -22.98
CA ASP B 242 2.45 -5.18 -23.03
C ASP B 242 3.56 -6.23 -22.83
N VAL B 243 4.06 -6.32 -21.60
CA VAL B 243 5.34 -7.00 -21.39
C VAL B 243 5.24 -8.48 -21.76
N PHE B 244 4.10 -9.10 -21.50
CA PHE B 244 3.92 -10.50 -21.88
C PHE B 244 3.34 -10.67 -23.27
N GLY B 245 3.26 -9.61 -24.06
CA GLY B 245 2.76 -9.72 -25.42
C GLY B 245 1.35 -10.25 -25.50
N GLN B 246 0.47 -9.80 -24.60
CA GLN B 246 -0.91 -10.28 -24.64
C GLN B 246 -1.58 -9.87 -25.96
N SER B 247 -1.16 -8.74 -26.55
CA SER B 247 -1.75 -8.28 -27.79
C SER B 247 -1.22 -9.01 -29.01
N LEU B 248 -0.26 -9.92 -28.84
CA LEU B 248 0.36 -10.65 -29.94
C LEU B 248 0.18 -12.15 -29.74
N LYS B 249 0.42 -12.91 -30.79
CA LYS B 249 0.36 -14.36 -30.66
C LYS B 249 1.71 -14.93 -30.26
N SER B 250 1.98 -16.17 -30.65
CA SER B 250 3.22 -16.85 -30.28
C SER B 250 4.30 -16.62 -31.32
N ALA B 251 5.53 -16.38 -30.85
CA ALA B 251 6.65 -16.12 -31.75
C ALA B 251 7.08 -17.36 -32.52
N GLN B 252 6.53 -18.54 -32.20
CA GLN B 252 6.95 -19.78 -32.84
C GLN B 252 6.24 -19.98 -34.18
N GLY B 253 4.93 -19.76 -34.21
CA GLY B 253 4.16 -19.79 -35.44
C GLY B 253 3.38 -18.49 -35.59
N LEU B 254 2.15 -18.61 -36.09
CA LEU B 254 1.21 -17.50 -36.19
C LEU B 254 1.83 -16.31 -36.93
N VAL B 255 2.26 -16.57 -38.16
CA VAL B 255 2.87 -15.55 -39.00
C VAL B 255 1.79 -14.98 -39.92
N PRO B 256 1.55 -13.65 -39.91
CA PRO B 256 2.26 -12.62 -39.14
C PRO B 256 1.53 -12.17 -37.88
N GLN B 257 1.75 -10.92 -37.48
CA GLN B 257 1.31 -10.41 -36.19
C GLN B 257 0.48 -9.14 -36.39
N LYS B 258 -0.82 -9.23 -36.10
CA LYS B 258 -1.77 -8.13 -36.34
C LYS B 258 -2.60 -7.87 -35.09
N PRO B 259 -2.07 -7.11 -34.13
CA PRO B 259 -2.86 -6.79 -32.93
C PRO B 259 -4.08 -5.95 -33.21
N TRP B 260 -4.05 -5.11 -34.26
CA TRP B 260 -5.21 -4.30 -34.61
C TRP B 260 -6.35 -5.10 -35.21
N GLU B 261 -6.10 -6.34 -35.62
CA GLU B 261 -7.14 -7.16 -36.27
C GLU B 261 -8.04 -7.76 -35.20
N ARG B 262 -9.33 -7.50 -35.33
CA ARG B 262 -10.31 -8.03 -34.38
C ARG B 262 -11.53 -8.61 -35.06
N GLY B 263 -11.71 -8.41 -36.37
CA GLY B 263 -12.88 -8.92 -37.05
C GLY B 263 -14.16 -8.18 -36.76
N ASP B 264 -14.08 -6.93 -36.28
CA ASP B 264 -15.21 -6.20 -35.72
C ASP B 264 -15.72 -5.09 -36.63
N GLY B 265 -15.20 -4.98 -37.85
CA GLY B 265 -15.54 -3.91 -38.75
C GLY B 265 -14.53 -2.78 -38.76
N GLN B 266 -13.89 -2.55 -37.63
CA GLN B 266 -12.92 -1.47 -37.50
C GLN B 266 -11.51 -1.86 -37.88
N ASP B 267 -11.30 -3.08 -38.39
CA ASP B 267 -9.95 -3.55 -38.68
C ASP B 267 -9.23 -2.65 -39.66
N ARG B 268 -9.96 -2.03 -40.59
CA ARG B 268 -9.33 -1.04 -41.47
C ARG B 268 -8.97 0.21 -40.69
N SER B 269 -9.93 0.77 -39.95
CA SER B 269 -9.65 1.94 -39.12
C SER B 269 -8.55 1.66 -38.10
N ALA B 270 -8.59 0.48 -37.47
CA ALA B 270 -7.64 0.17 -36.40
C ALA B 270 -6.22 0.06 -36.92
N ARG B 271 -6.04 -0.44 -38.15
CA ARG B 271 -4.69 -0.55 -38.69
C ARG B 271 -4.13 0.81 -39.06
N GLN B 272 -4.98 1.72 -39.53
CA GLN B 272 -4.52 3.10 -39.72
C GLN B 272 -4.01 3.69 -38.42
N ALA B 273 -4.79 3.54 -37.34
CA ALA B 273 -4.39 4.11 -36.06
C ALA B 273 -3.11 3.47 -35.55
N PHE B 274 -3.01 2.15 -35.64
CA PHE B 274 -1.83 1.45 -35.14
C PHE B 274 -0.55 1.78 -35.89
N GLN B 275 -0.62 2.60 -36.95
CA GLN B 275 0.62 3.10 -37.52
C GLN B 275 1.37 4.00 -36.56
N ALA B 276 0.67 4.63 -35.61
CA ALA B 276 1.29 5.47 -34.60
C ALA B 276 1.61 4.69 -33.33
N ALA B 277 1.38 3.39 -33.31
CA ALA B 277 1.51 2.58 -32.12
C ALA B 277 2.72 1.67 -32.24
N LYS B 278 3.48 1.57 -31.16
CA LYS B 278 4.54 0.58 -31.03
C LYS B 278 4.29 -0.19 -29.74
N ILE B 279 4.78 -1.41 -29.69
CA ILE B 279 4.47 -2.32 -28.59
C ILE B 279 5.77 -2.72 -27.92
N ILE B 280 5.86 -2.47 -26.62
CA ILE B 280 7.02 -2.84 -25.82
C ILE B 280 6.73 -4.17 -25.14
N THR B 281 7.63 -5.13 -25.28
CA THR B 281 7.46 -6.46 -24.70
C THR B 281 8.78 -6.90 -24.10
N TYR B 282 8.72 -7.97 -23.30
CA TYR B 282 9.92 -8.71 -22.97
C TYR B 282 10.47 -9.38 -24.22
N LYS B 283 11.78 -9.63 -24.21
CA LYS B 283 12.43 -10.27 -25.35
C LYS B 283 12.28 -11.79 -25.28
N GLU B 284 11.88 -12.40 -26.39
CA GLU B 284 11.89 -13.87 -26.52
C GLU B 284 13.33 -14.35 -26.50
N PRO B 285 13.72 -15.22 -25.57
CA PRO B 285 15.04 -15.85 -25.66
C PRO B 285 15.23 -16.50 -27.02
N ASP B 286 16.36 -16.18 -27.65
CA ASP B 286 16.62 -16.62 -29.01
C ASP B 286 17.48 -17.88 -29.08
N ASN B 287 18.23 -18.19 -28.03
CA ASN B 287 19.16 -19.30 -28.04
C ASN B 287 18.45 -20.63 -28.28
N PRO B 288 19.18 -21.63 -28.80
CA PRO B 288 18.54 -22.92 -29.09
C PRO B 288 18.11 -23.69 -27.85
N GLU B 289 18.82 -23.57 -26.73
CA GLU B 289 18.44 -24.30 -25.53
C GLU B 289 17.05 -23.91 -25.04
N TYR B 290 16.60 -22.69 -25.34
CA TYR B 290 15.27 -22.27 -24.93
C TYR B 290 14.20 -23.09 -25.64
N LEU B 291 14.35 -23.28 -26.95
CA LEU B 291 13.36 -24.06 -27.69
C LEU B 291 13.32 -25.51 -27.23
N GLU B 292 14.47 -26.09 -26.90
CA GLU B 292 14.48 -27.45 -26.39
C GLU B 292 13.78 -27.52 -25.05
N PHE B 293 14.00 -26.52 -24.20
CA PHE B 293 13.34 -26.46 -22.90
C PHE B 293 11.82 -26.42 -23.07
N LEU B 294 11.34 -25.56 -23.98
CA LEU B 294 9.92 -25.46 -24.25
C LEU B 294 9.32 -26.81 -24.62
N LYS B 295 9.98 -27.53 -25.55
CA LYS B 295 9.51 -28.86 -25.93
C LYS B 295 9.41 -29.77 -24.72
N GLN B 296 10.42 -29.77 -23.87
CA GLN B 296 10.41 -30.65 -22.72
C GLN B 296 9.40 -30.19 -21.67
N LEU B 297 9.30 -28.88 -21.46
CA LEU B 297 8.32 -28.35 -20.52
C LEU B 297 6.91 -28.74 -20.92
N LYS B 298 6.58 -28.57 -22.20
CA LYS B 298 5.26 -28.96 -22.71
C LYS B 298 4.99 -30.44 -22.46
N LEU B 299 5.96 -31.30 -22.80
CA LEU B 299 5.78 -32.74 -22.57
C LEU B 299 5.53 -33.03 -21.09
N LEU B 300 6.38 -32.51 -20.22
CA LEU B 300 6.26 -32.82 -18.80
C LEU B 300 4.98 -32.25 -18.20
N ALA B 301 4.55 -31.07 -18.65
CA ALA B 301 3.35 -30.45 -18.08
C ALA B 301 2.09 -31.21 -18.48
N ASP B 302 2.06 -31.74 -19.70
CA ASP B 302 0.91 -32.49 -20.19
C ASP B 302 0.78 -33.83 -19.49
N LYS B 303 1.92 -34.47 -19.19
CA LYS B 303 1.96 -35.82 -18.65
C LYS B 303 1.79 -35.84 -17.13
N LYS B 304 2.71 -35.18 -16.41
CA LYS B 304 2.70 -35.23 -14.95
C LYS B 304 1.87 -34.13 -14.31
N PHE B 305 1.42 -33.14 -15.08
CA PHE B 305 0.69 -32.02 -14.51
C PHE B 305 -0.65 -31.78 -15.15
N ASN B 306 -1.03 -32.58 -16.16
CA ASN B 306 -2.34 -32.49 -16.82
C ASN B 306 -2.64 -31.06 -17.29
N PHE B 307 -1.59 -30.37 -17.74
CA PHE B 307 -1.72 -29.00 -18.22
C PHE B 307 -1.07 -28.89 -19.59
N THR B 308 -1.65 -28.03 -20.44
CA THR B 308 -1.18 -27.81 -21.80
C THR B 308 -0.50 -26.44 -21.86
N VAL B 309 0.83 -26.44 -21.98
CA VAL B 309 1.60 -25.20 -21.97
C VAL B 309 1.63 -24.63 -23.38
N GLU B 310 0.96 -23.51 -23.58
CA GLU B 310 0.94 -22.84 -24.87
C GLU B 310 2.13 -21.91 -25.01
N ASP B 311 2.52 -21.68 -26.26
CA ASP B 311 3.61 -20.76 -26.56
C ASP B 311 3.25 -19.34 -26.15
N GLY B 312 4.28 -18.55 -25.89
CA GLY B 312 4.11 -17.15 -25.54
C GLY B 312 5.18 -16.71 -24.58
N LEU B 313 5.32 -15.38 -24.47
CA LEU B 313 6.34 -14.82 -23.60
C LEU B 313 6.16 -15.20 -22.13
N LYS B 314 4.95 -15.62 -21.71
CA LYS B 314 4.74 -16.01 -20.32
C LYS B 314 5.65 -17.16 -19.92
N ASN B 315 6.12 -17.95 -20.89
CA ASN B 315 6.99 -19.06 -20.59
C ASN B 315 8.38 -18.64 -20.12
N ILE B 316 8.77 -17.37 -20.27
CA ILE B 316 10.05 -16.96 -19.71
C ILE B 316 10.04 -17.05 -18.19
N ILE B 317 8.86 -17.03 -17.56
CA ILE B 317 8.77 -17.13 -16.10
C ILE B 317 9.16 -18.53 -15.66
N PRO B 318 8.51 -19.62 -16.13
CA PRO B 318 9.00 -20.95 -15.74
C PRO B 318 10.43 -21.23 -16.18
N ALA B 319 10.83 -20.78 -17.37
CA ALA B 319 12.23 -20.87 -17.77
C ALA B 319 13.15 -20.17 -16.77
N SER B 320 12.75 -18.99 -16.29
CA SER B 320 13.60 -18.27 -15.33
C SER B 320 13.59 -18.93 -13.95
N PHE B 321 12.48 -19.57 -13.56
CA PHE B 321 12.51 -20.37 -12.33
C PHE B 321 13.49 -21.51 -12.48
N HIS B 322 13.42 -22.20 -13.61
CA HIS B 322 14.35 -23.28 -13.95
C HIS B 322 15.79 -22.81 -13.85
N ASP B 323 16.11 -21.70 -14.52
CA ASP B 323 17.47 -21.20 -14.53
C ASP B 323 17.90 -20.72 -13.14
N GLY B 324 17.02 -19.99 -12.44
CA GLY B 324 17.36 -19.51 -11.13
C GLY B 324 17.63 -20.65 -10.15
N LEU B 325 16.86 -21.73 -10.27
CA LEU B 325 17.07 -22.88 -9.40
C LEU B 325 18.44 -23.49 -9.64
N LEU B 326 18.85 -23.64 -10.90
CA LEU B 326 20.18 -24.15 -11.18
C LEU B 326 21.26 -23.18 -10.69
N LEU B 327 21.04 -21.88 -10.89
CA LEU B 327 21.99 -20.88 -10.41
C LEU B 327 22.17 -20.99 -8.90
N TYR B 328 21.09 -21.30 -8.18
CA TYR B 328 21.17 -21.49 -6.74
C TYR B 328 22.00 -22.71 -6.37
N VAL B 329 21.72 -23.86 -7.01
CA VAL B 329 22.45 -25.10 -6.70
C VAL B 329 23.94 -24.92 -6.98
N GLN B 330 24.29 -24.17 -8.03
CA GLN B 330 25.69 -23.87 -8.26
C GLN B 330 26.28 -23.12 -7.06
N ALA B 331 25.60 -22.07 -6.61
CA ALA B 331 26.08 -21.30 -5.45
C ALA B 331 26.19 -22.19 -4.21
N VAL B 332 25.17 -23.00 -3.95
CA VAL B 332 25.24 -23.92 -2.81
C VAL B 332 26.42 -24.88 -2.99
N THR B 333 26.61 -25.39 -4.20
CA THR B 333 27.73 -26.30 -4.45
C THR B 333 29.06 -25.60 -4.16
N GLU B 334 29.25 -24.38 -4.67
CA GLU B 334 30.47 -23.64 -4.36
C GLU B 334 30.55 -23.31 -2.87
N THR B 335 29.42 -23.01 -2.25
CA THR B 335 29.44 -22.69 -0.82
C THR B 335 29.88 -23.91 0.00
N LEU B 336 29.31 -25.09 -0.30
CA LEU B 336 29.78 -26.32 0.33
C LEU B 336 31.26 -26.56 0.00
N ALA B 337 31.69 -26.17 -1.20
CA ALA B 337 33.07 -26.41 -1.65
C ALA B 337 34.09 -25.60 -0.87
N GLN B 338 33.66 -24.61 -0.09
CA GLN B 338 34.59 -23.83 0.71
C GLN B 338 34.20 -23.87 2.18
N GLY B 339 33.72 -25.02 2.63
CA GLY B 339 33.39 -25.23 4.02
C GLY B 339 32.04 -24.70 4.45
N GLY B 340 31.33 -23.99 3.58
CA GLY B 340 30.02 -23.47 3.94
C GLY B 340 29.00 -24.58 4.11
N THR B 341 27.76 -24.17 4.31
CA THR B 341 26.66 -25.10 4.45
C THR B 341 25.47 -24.56 3.65
N VAL B 342 24.43 -25.40 3.54
CA VAL B 342 23.25 -25.04 2.78
C VAL B 342 22.38 -24.03 3.49
N THR B 343 22.75 -23.63 4.71
CA THR B 343 22.02 -22.61 5.46
C THR B 343 22.78 -21.31 5.58
N ASP B 344 23.89 -21.16 4.85
CA ASP B 344 24.63 -19.91 4.83
C ASP B 344 24.02 -19.00 3.77
N GLY B 345 22.79 -18.55 4.07
CA GLY B 345 22.03 -17.76 3.11
C GLY B 345 22.79 -16.58 2.56
N GLU B 346 23.55 -15.89 3.41
CA GLU B 346 24.27 -14.71 2.95
C GLU B 346 25.36 -15.09 1.95
N ASN B 347 26.18 -16.09 2.29
CA ASN B 347 27.26 -16.54 1.40
C ASN B 347 26.69 -17.04 0.07
N ILE B 348 25.69 -17.92 0.16
CA ILE B 348 25.03 -18.44 -1.03
C ILE B 348 24.47 -17.31 -1.88
N THR B 349 23.79 -16.34 -1.25
CA THR B 349 23.16 -15.25 -1.99
C THR B 349 24.20 -14.38 -2.70
N GLN B 350 25.32 -14.08 -2.05
CA GLN B 350 26.34 -13.24 -2.68
C GLN B 350 27.05 -13.97 -3.82
N ARG B 351 27.13 -15.30 -3.76
CA ARG B 351 27.65 -16.03 -4.91
C ARG B 351 26.74 -15.86 -6.10
N MET B 352 25.43 -15.75 -5.88
CA MET B 352 24.50 -15.57 -6.98
C MET B 352 24.48 -14.16 -7.49
N TRP B 353 24.83 -13.19 -6.67
CA TRP B 353 24.68 -11.79 -7.05
C TRP B 353 25.93 -11.28 -7.77
N ASN B 354 25.70 -10.31 -8.67
CA ASN B 354 26.76 -9.74 -9.49
C ASN B 354 27.52 -10.84 -10.23
N ARG B 355 26.75 -11.67 -10.94
CA ARG B 355 27.26 -12.88 -11.56
C ARG B 355 26.50 -13.16 -12.86
N SER B 356 27.22 -13.64 -13.87
CA SER B 356 26.65 -14.03 -15.14
C SER B 356 26.51 -15.56 -15.19
N PHE B 357 25.52 -16.02 -15.94
CA PHE B 357 25.16 -17.42 -15.90
C PHE B 357 24.56 -17.80 -17.24
N GLN B 358 24.69 -19.07 -17.61
CA GLN B 358 24.16 -19.60 -18.85
C GLN B 358 23.01 -20.56 -18.53
N GLY B 359 21.80 -20.22 -18.99
CA GLY B 359 20.67 -21.08 -18.76
C GLY B 359 19.84 -21.31 -20.00
N VAL B 360 18.70 -22.01 -19.85
CA VAL B 360 17.82 -22.21 -20.99
C VAL B 360 17.33 -20.89 -21.55
N THR B 361 17.34 -19.81 -20.76
CA THR B 361 17.03 -18.49 -21.31
C THR B 361 18.25 -17.84 -21.94
N GLY B 362 19.38 -18.53 -22.01
CA GLY B 362 20.58 -17.98 -22.59
C GLY B 362 21.40 -17.20 -21.58
N TYR B 363 22.00 -16.11 -22.04
CA TYR B 363 22.72 -15.24 -21.13
C TYR B 363 21.77 -14.66 -20.12
N LEU B 364 22.08 -14.81 -18.83
CA LEU B 364 21.35 -14.09 -17.81
C LEU B 364 22.31 -13.57 -16.75
N LYS B 365 22.18 -12.28 -16.44
CA LYS B 365 23.03 -11.57 -15.49
C LYS B 365 22.21 -11.18 -14.26
N ILE B 366 22.67 -11.58 -13.08
CA ILE B 366 22.13 -11.07 -11.83
C ILE B 366 22.96 -9.84 -11.44
N ASP B 367 22.29 -8.70 -11.26
CA ASP B 367 23.01 -7.47 -10.98
C ASP B 367 23.47 -7.45 -9.53
N ARG B 368 24.08 -6.32 -9.13
CA ARG B 368 24.59 -6.20 -7.76
C ARG B 368 23.47 -6.19 -6.74
N ASN B 369 22.27 -5.79 -7.16
CA ASN B 369 21.11 -5.76 -6.29
C ASN B 369 20.41 -7.12 -6.17
N GLY B 370 20.86 -8.13 -6.91
CA GLY B 370 20.22 -9.42 -6.85
C GLY B 370 19.03 -9.60 -7.76
N ASP B 371 18.89 -8.76 -8.79
CA ASP B 371 17.79 -8.84 -9.74
C ASP B 371 18.34 -9.10 -11.14
N ARG B 372 17.70 -10.02 -11.86
CA ARG B 372 18.13 -10.34 -13.20
C ARG B 372 17.95 -9.14 -14.14
N ASP B 373 18.98 -8.83 -14.90
CA ASP B 373 18.85 -7.87 -15.99
C ASP B 373 17.83 -8.39 -17.00
N THR B 374 16.99 -7.49 -17.50
CA THR B 374 15.87 -7.87 -18.34
C THR B 374 16.00 -7.27 -19.74
N ASP B 375 15.92 -8.13 -20.75
CA ASP B 375 15.98 -7.71 -22.14
C ASP B 375 14.58 -7.41 -22.66
N PHE B 376 14.47 -6.40 -23.53
CA PHE B 376 13.20 -5.95 -24.08
C PHE B 376 13.26 -5.90 -25.60
N SER B 377 12.08 -6.04 -26.22
CA SER B 377 11.90 -5.87 -27.65
C SER B 377 10.96 -4.71 -27.91
N LEU B 378 11.09 -4.10 -29.08
CA LEU B 378 10.16 -3.06 -29.52
C LEU B 378 9.56 -3.49 -30.85
N TRP B 379 8.24 -3.57 -30.89
CA TRP B 379 7.54 -3.96 -32.11
C TRP B 379 7.04 -2.73 -32.83
N ASP B 380 6.82 -2.91 -34.13
CA ASP B 380 6.47 -1.84 -35.06
C ASP B 380 5.91 -2.47 -36.31
N MET B 381 4.94 -1.82 -36.94
CA MET B 381 4.40 -2.30 -38.21
C MET B 381 5.16 -1.67 -39.36
N ASP B 382 5.43 -2.48 -40.38
CA ASP B 382 5.80 -1.73 -41.57
C ASP B 382 4.54 -1.31 -42.33
N PRO B 383 4.57 -0.18 -43.03
CA PRO B 383 3.35 0.30 -43.71
C PRO B 383 2.85 -0.66 -44.77
N GLU B 384 3.68 -1.61 -45.21
CA GLU B 384 3.36 -2.52 -46.31
C GLU B 384 2.15 -3.40 -46.00
N THR B 385 2.32 -4.34 -45.06
CA THR B 385 1.25 -5.24 -44.67
C THR B 385 0.57 -4.84 -43.37
N GLY B 386 1.09 -3.83 -42.67
CA GLY B 386 0.57 -3.47 -41.37
C GLY B 386 0.90 -4.44 -40.26
N ALA B 387 1.68 -5.48 -40.54
CA ALA B 387 2.06 -6.45 -39.53
C ALA B 387 3.16 -5.90 -38.65
N PHE B 388 3.07 -6.19 -37.36
CA PHE B 388 4.05 -5.75 -36.37
C PHE B 388 5.17 -6.76 -36.24
N ARG B 389 6.41 -6.26 -36.20
CA ARG B 389 7.57 -7.13 -36.03
C ARG B 389 8.59 -6.42 -35.15
N VAL B 390 9.46 -7.23 -34.53
CA VAL B 390 10.53 -6.68 -33.71
C VAL B 390 11.48 -5.89 -34.61
N VAL B 391 11.67 -4.61 -34.27
CA VAL B 391 12.60 -3.77 -34.99
C VAL B 391 13.75 -3.29 -34.12
N LEU B 392 13.66 -3.48 -32.80
CA LEU B 392 14.68 -3.03 -31.88
C LEU B 392 14.73 -4.01 -30.71
N ASN B 393 15.94 -4.30 -30.24
CA ASN B 393 16.13 -5.11 -29.04
C ASN B 393 16.96 -4.33 -28.04
N TYR B 394 16.73 -4.61 -26.77
CA TYR B 394 17.43 -3.95 -25.67
C TYR B 394 18.10 -5.02 -24.83
N ASN B 395 19.42 -4.95 -24.75
CA ASN B 395 20.18 -5.87 -23.92
C ASN B 395 20.31 -5.23 -22.55
N GLY B 396 19.62 -5.81 -21.56
CA GLY B 396 19.53 -5.18 -20.25
C GLY B 396 20.85 -5.06 -19.52
N THR B 397 21.81 -5.96 -19.80
CA THR B 397 23.07 -5.96 -19.07
C THR B 397 24.04 -4.91 -19.61
N SER B 398 24.08 -4.74 -20.93
CA SER B 398 24.91 -3.69 -21.53
C SER B 398 24.14 -2.41 -21.82
N GLN B 399 22.81 -2.40 -21.62
CA GLN B 399 21.97 -1.22 -21.82
C GLN B 399 22.10 -0.67 -23.25
N GLU B 400 22.08 -1.57 -24.23
CA GLU B 400 22.27 -1.21 -25.63
C GLU B 400 21.02 -1.54 -26.43
N LEU B 401 20.67 -0.62 -27.33
CA LEU B 401 19.61 -0.82 -28.31
C LEU B 401 20.24 -1.16 -29.64
N MET B 402 19.82 -2.28 -30.22
CA MET B 402 20.38 -2.77 -31.47
C MET B 402 19.25 -3.10 -32.44
N ALA B 403 19.40 -2.68 -33.70
CA ALA B 403 18.39 -2.93 -34.71
C ALA B 403 18.28 -4.42 -35.00
N VAL B 404 17.11 -4.84 -35.47
CA VAL B 404 16.74 -6.25 -35.54
C VAL B 404 16.38 -6.58 -36.97
N SER B 405 17.06 -7.58 -37.54
CA SER B 405 16.80 -8.04 -38.91
C SER B 405 16.84 -6.89 -39.91
N GLU B 406 17.69 -5.90 -39.64
CA GLU B 406 17.87 -4.73 -40.50
C GLU B 406 16.56 -3.97 -40.71
N HIS B 407 15.64 -4.05 -39.75
CA HIS B 407 14.40 -3.28 -39.82
C HIS B 407 14.64 -1.86 -39.31
N LYS B 408 13.69 -0.98 -39.60
CA LYS B 408 13.75 0.39 -39.11
C LYS B 408 12.47 0.74 -38.35
N LEU B 409 12.62 1.58 -37.34
CA LEU B 409 11.48 2.06 -36.57
C LEU B 409 10.63 2.94 -37.49
N TYR B 410 9.51 2.38 -37.94
CA TYR B 410 8.61 3.08 -38.84
C TYR B 410 8.11 4.38 -38.21
N TRP B 411 8.29 5.49 -38.93
CA TRP B 411 7.74 6.77 -38.53
C TRP B 411 6.89 7.32 -39.67
N PRO B 412 5.68 7.76 -39.40
CA PRO B 412 4.86 8.36 -40.46
C PRO B 412 5.50 9.58 -41.07
N LEU B 413 6.33 10.30 -40.31
CA LEU B 413 6.98 11.50 -40.81
C LEU B 413 8.33 11.21 -41.45
N GLY B 414 8.95 10.08 -41.14
CA GLY B 414 10.32 9.79 -41.51
C GLY B 414 11.25 9.80 -40.32
N TYR B 415 10.93 10.57 -39.28
CA TYR B 415 11.67 10.56 -38.03
C TYR B 415 10.71 10.66 -36.86
N PRO B 416 11.16 10.39 -35.62
CA PRO B 416 10.24 10.45 -34.49
C PRO B 416 9.74 11.86 -34.26
N PRO B 417 8.52 12.02 -33.78
CA PRO B 417 8.01 13.36 -33.44
C PRO B 417 8.56 13.82 -32.11
N PRO B 418 8.60 15.13 -31.87
CA PRO B 418 9.16 15.64 -30.62
C PRO B 418 8.18 15.54 -29.47
N ASP B 419 8.74 15.30 -28.28
CA ASP B 419 7.91 15.08 -27.09
C ASP B 419 7.08 16.31 -26.75
N VAL B 420 7.55 17.48 -27.15
CA VAL B 420 6.77 18.72 -27.04
C VAL B 420 6.32 19.07 -28.46
N PRO B 421 5.13 19.62 -28.66
CA PRO B 421 4.73 20.09 -30.00
C PRO B 421 5.43 21.41 -30.36
N LYS B 422 5.10 21.92 -31.55
CA LYS B 422 5.76 23.11 -32.08
C LYS B 422 5.65 24.29 -31.11
N CYS B 423 4.43 24.60 -30.68
CA CYS B 423 4.21 25.51 -29.57
C CYS B 423 4.06 24.67 -28.30
N GLY B 424 3.47 25.27 -27.27
CA GLY B 424 3.12 24.51 -26.08
C GLY B 424 1.97 23.56 -26.36
N PHE B 425 1.65 22.76 -25.35
CA PHE B 425 0.50 21.87 -25.47
C PHE B 425 -0.82 22.63 -25.53
N ASP B 426 -0.81 23.94 -25.25
CA ASP B 426 -2.03 24.76 -25.22
C ASP B 426 -2.43 25.25 -26.60
N GLU C 1 16.41 3.22 -5.68
N GLU C 1 -17.29 2.41 2.35
CA GLU C 1 15.07 3.74 -5.87
CA GLU C 1 -16.16 3.14 1.77
C GLU C 1 14.42 4.08 -4.52
C GLU C 1 -15.45 2.29 0.73
N VAL C 2 15.22 4.71 -3.65
N VAL C 2 -16.24 1.60 -0.10
CA VAL C 2 14.76 5.08 -2.31
CA VAL C 2 -15.73 0.70 -1.12
C VAL C 2 14.29 6.53 -2.35
C VAL C 2 -15.63 1.45 -2.43
N LYS C 3 14.09 7.06 -3.55
N LYS C 3 -15.71 2.78 -2.36
CA LYS C 3 13.59 8.41 -3.70
CA LYS C 3 -15.57 3.61 -3.55
C LYS C 3 12.17 8.52 -3.15
C LYS C 3 -14.15 3.51 -4.12
N TYR C 4 11.80 9.72 -2.75
N TYR C 4 -14.04 3.74 -5.41
CA TYR C 4 10.48 9.97 -2.20
CA TYR C 4 -12.75 3.69 -6.08
C TYR C 4 9.51 10.38 -3.30
C TYR C 4 -12.07 5.05 -6.04
N ASP C 5 8.25 9.99 -3.11
N ASP C 5 -10.74 5.03 -5.95
CA ASP C 5 7.16 10.36 -4.02
CA ASP C 5 -9.93 6.23 -6.00
C ASP C 5 5.86 10.29 -3.24
C ASP C 5 -8.54 5.85 -6.49
N PRO C 6 4.85 11.08 -3.64
N PRO C 6 -7.81 6.78 -7.11
CA PRO C 6 3.54 10.97 -2.96
CA PRO C 6 -6.44 6.47 -7.54
C PRO C 6 2.76 9.72 -3.30
C PRO C 6 -5.42 6.38 -6.40
N CYS C 7 2.95 9.15 -4.50
N CYS C 7 -5.60 7.14 -5.33
CA CYS C 7 2.20 7.96 -4.93
CA CYS C 7 -4.66 7.19 -4.21
C CYS C 7 3.06 6.69 -4.86
C CYS C 7 -5.14 6.38 -3.00
N PHE C 8 4.29 6.74 -5.36
N PHE C 8 -6.42 6.49 -2.65
CA PHE C 8 5.08 5.54 -5.56
CA PHE C 8 -6.95 5.95 -1.41
C PHE C 8 6.12 5.36 -4.46
C PHE C 8 -7.75 4.67 -1.65
N GLY C 9 6.39 4.10 -4.11
N GLY C 9 -7.70 3.79 -0.66
CA GLY C 9 7.35 3.75 -3.10
CA GLY C 9 -8.39 2.52 -0.71
C GLY C 9 6.80 3.54 -1.70
C GLY C 9 -7.62 1.35 -1.27
N HIS C 10 5.47 3.47 -1.54
N HIS C 10 -6.31 1.49 -1.48
CA HIS C 10 4.86 3.45 -0.22
CA HIS C 10 -5.52 0.46 -2.17
C HIS C 10 4.49 2.03 0.20
C HIS C 10 -4.76 -0.41 -1.17
N LYS C 11 5.52 1.22 0.47
N LYS C 11 -5.52 -1.22 -0.43
CA LYS C 11 5.33 -0.15 0.98
CA LYS C 11 -4.94 -2.19 0.50
C LYS C 11 4.43 -0.99 0.09
C LYS C 11 -4.00 -1.58 1.52
N ILE C 12 4.39 -2.29 0.36
N ILE C 12 -3.58 -2.36 2.50
CA ILE C 12 3.50 -3.18 -0.39
CA ILE C 12 -2.64 -1.87 3.51
C ILE C 12 2.52 -3.81 0.59
C ILE C 12 -1.40 -2.75 3.43
N ASP C 13 1.36 -3.18 0.74
N ASP C 13 -0.42 -2.32 2.63
CA ASP C 13 0.23 -3.70 1.49
CA ASP C 13 0.89 -2.94 2.55
C ASP C 13 -1.00 -3.03 0.92
C ASP C 13 1.84 -1.86 2.07
N ARG C 14 -2.09 -3.79 0.82
N ARG C 14 3.05 -1.86 2.61
CA ARG C 14 -3.31 -3.25 0.23
CA ARG C 14 4.01 -0.84 2.24
C ARG C 14 -3.89 -2.15 1.11
C ARG C 14 4.42 -1.00 0.79
N ILE C 15 -3.31 -1.92 2.28
N ILE C 15 3.97 -2.07 0.12
CA ILE C 15 -3.81 -0.88 3.16
CA ILE C 15 4.32 -2.24 -1.29
C ILE C 15 -3.40 0.50 2.64
C ILE C 15 3.52 -1.28 -2.16
N ASN C 16 -2.31 0.58 1.88
N ASN C 16 2.34 -0.86 -1.71
CA ASN C 16 -1.82 1.83 1.33
CA ASN C 16 1.49 0.05 -2.46
C ASN C 16 -2.46 2.20 -0.01
C ASN C 16 1.86 1.52 -2.26
N HIS C 17 -3.41 1.41 -0.50
N HIS C 17 2.88 1.82 -1.48
CA HIS C 17 -4.02 1.69 -1.79
CA HIS C 17 3.23 3.21 -1.18
C HIS C 17 -5.55 1.63 -1.73
C HIS C 17 4.72 3.47 -1.35
N VAL C 18 -6.12 1.83 -0.54
N VAL C 18 5.37 2.69 -2.21
CA VAL C 18 -7.56 1.76 -0.39
CA VAL C 18 6.81 2.87 -2.43
C VAL C 18 -8.24 2.98 -1.02
C VAL C 18 7.08 4.11 -3.29
N SER C 19 -7.55 4.11 -1.12
N SER C 19 6.12 4.52 -4.13
CA SER C 19 -8.13 5.33 -1.66
CA SER C 19 6.31 5.66 -5.01
C SER C 19 -7.36 5.92 -2.85
C SER C 19 5.27 6.75 -4.87
N ASN C 20 -6.13 5.46 -3.10
N ASN C 20 4.15 6.50 -4.17
CA ASN C 20 -5.17 6.12 -4.02
CA ASN C 20 2.94 7.33 -4.17
C ASN C 20 -5.23 7.64 -3.88
C ASN C 20 2.63 7.88 -5.56
N LEU C 21 -5.24 8.10 -2.63
N LEU C 21 2.72 6.98 -6.54
CA LEU C 21 -5.16 9.50 -2.27
CA LEU C 21 2.36 7.26 -7.92
C LEU C 21 -4.10 10.25 -3.08
C LEU C 21 1.04 8.02 -8.03
N GLY C 22 -2.83 10.02 -2.77
N GLY C 22 -0.08 7.35 -7.76
CA GLY C 22 -1.75 10.75 -3.42
CA GLY C 22 -1.38 7.98 -7.90
C GLY C 22 -1.54 10.45 -4.89
C GLY C 22 -1.69 9.11 -6.94
N CYS C 23 -2.35 9.57 -5.50
N CYS C 23 -0.80 9.42 -5.98
CA CYS C 23 -2.14 9.15 -6.89
CA CYS C 23 -1.10 10.42 -4.96
C CYS C 23 -3.19 9.77 -7.80
C CYS C 23 -0.39 11.74 -5.28
N PRO C 24 -2.82 10.59 -8.79
N PRO C 24 -1.12 12.86 -5.46
CA PRO C 24 -3.82 11.05 -9.77
CA PRO C 24 -0.43 14.15 -5.62
C PRO C 24 -4.56 9.89 -10.41
C PRO C 24 0.61 14.39 -4.53
N SER C 25 -5.88 9.86 -10.23
N SER C 25 1.87 14.53 -4.94
CA SER C 25 -6.73 8.78 -10.74
CA SER C 25 2.97 14.54 -3.98
C SER C 25 -8.08 9.34 -11.12
C SER C 25 4.04 15.55 -4.37
N LEU C 26 -8.97 8.45 -11.57
N LEU C 26 4.96 15.78 -3.43
CA LEU C 26 -10.33 8.81 -11.92
CA LEU C 26 6.15 16.60 -3.65
C LEU C 26 -11.36 7.92 -11.25
C LEU C 26 7.43 15.86 -3.29
N ARG C 27 -11.01 7.29 -10.12
N ARG C 27 7.39 14.54 -3.17
CA ARG C 27 -11.83 6.22 -9.57
CA ARG C 27 8.51 13.79 -2.62
C ARG C 27 -11.83 6.27 -8.05
C ARG C 27 8.72 12.48 -3.38
N ASP C 28 -12.59 5.33 -7.46
N ASP C 28 9.77 11.75 -2.96
CA ASP C 28 -12.79 5.13 -6.03
CA ASP C 28 10.22 10.47 -3.49
C ASP C 28 -13.73 3.93 -5.87
C ASP C 28 11.43 10.04 -2.68
N PRO C 29 -13.84 3.35 -4.66
N PRO C 29 11.85 8.76 -2.74
CA PRO C 29 -14.82 2.28 -4.47
CA PRO C 29 13.09 8.37 -2.05
C PRO C 29 -16.26 2.78 -4.51
C PRO C 29 14.35 8.96 -2.70
C1 NAG D . 9.89 3.51 19.88
C2 NAG D . 11.38 3.60 19.45
C3 NAG D . 11.66 4.92 18.75
C4 NAG D . 10.67 5.18 17.63
C5 NAG D . 9.27 5.19 18.26
C6 NAG D . 8.17 5.46 17.27
C7 NAG D . 12.72 2.25 21.00
C8 NAG D . 13.60 2.28 22.21
N2 NAG D . 12.25 3.44 20.59
O3 NAG D . 12.98 4.90 18.24
O4 NAG D . 10.95 6.41 16.97
O5 NAG D . 9.02 3.87 18.78
O6 NAG D . 7.77 4.27 16.62
O7 NAG D . 12.45 1.20 20.41
C1 NAG D . 11.61 6.62 15.78
C2 NAG D . 11.78 7.95 15.00
C3 NAG D . 12.13 7.67 13.52
C4 NAG D . 13.29 6.70 13.42
C5 NAG D . 12.97 5.44 14.21
C6 NAG D . 14.06 4.39 14.18
C7 NAG D . 10.16 9.31 16.23
C8 NAG D . 8.90 10.12 16.14
N2 NAG D . 10.58 8.75 15.09
O3 NAG D . 12.43 8.89 12.86
O4 NAG D . 13.56 6.39 12.04
O5 NAG D . 12.75 5.80 15.58
O6 NAG D . 13.59 3.14 14.67
O7 NAG D . 10.77 9.19 17.29
C1 MAN D . 14.25 6.24 10.85
C2 MAN D . 14.66 7.47 9.95
C3 MAN D . 15.67 7.05 8.84
C4 MAN D . 16.40 5.73 9.19
C5 MAN D . 15.36 4.59 9.30
C6 MAN D . 15.94 3.27 9.86
O2 MAN D . 15.31 8.51 10.71
O3 MAN D . 16.61 8.09 8.54
O4 MAN D . 17.36 5.40 8.18
O5 MAN D . 14.18 4.99 10.12
O6 MAN D . 17.04 2.84 9.04
C1 NAG E . -24.28 11.01 22.37
C2 NAG E . -24.59 10.87 23.88
C3 NAG E . -25.36 9.58 24.14
C4 NAG E . -26.60 9.50 23.26
C5 NAG E . -26.16 9.56 21.80
C6 NAG E . -27.30 9.50 20.82
C7 NAG E . -22.92 11.95 25.34
C8 NAG E . -21.68 11.74 26.15
N2 NAG E . -23.38 10.88 24.68
O3 NAG E . -25.65 9.47 25.52
O4 NAG E . -27.34 8.31 23.52
O5 NAG E . -25.49 10.82 21.58
O6 NAG E . -28.56 9.34 21.44
O7 NAG E . -23.48 13.04 25.27
C1 NAG E . -28.27 8.14 24.53
C2 NAG E . -29.09 6.95 24.03
C3 NAG E . -30.31 6.73 24.92
C4 NAG E . -29.90 6.63 26.39
C5 NAG E . -29.05 7.85 26.78
C6 NAG E . -28.50 7.75 28.18
C7 NAG E . -29.17 6.28 21.67
C8 NAG E . -29.68 6.64 20.30
N2 NAG E . -29.49 7.14 22.65
O3 NAG E . -30.96 5.54 24.51
O4 NAG E . -31.05 6.57 27.22
O5 NAG E . -27.92 7.95 25.90
O6 NAG E . -27.27 8.45 28.30
O7 NAG E . -28.52 5.27 21.89
C1 MAN E . -31.99 5.70 27.73
C2 MAN E . -32.42 5.80 29.22
C3 MAN E . -32.92 4.43 29.76
C4 MAN E . -33.20 3.42 28.63
C5 MAN E . -31.92 3.21 27.78
C6 MAN E . -32.14 2.36 26.51
O2 MAN E . -33.50 6.73 29.38
O3 MAN E . -34.08 4.58 30.59
O4 MAN E . -33.61 2.17 29.17
O5 MAN E . -31.30 4.49 27.41
O6 MAN E . -33.25 2.88 25.76
C1 MAN E . -34.00 4.29 31.93
C2 MAN E . -35.54 4.27 32.20
C3 MAN E . -36.10 5.71 32.39
C4 MAN E . -35.19 6.54 33.32
C5 MAN E . -33.80 6.57 32.70
C6 MAN E . -32.81 7.48 33.41
O2 MAN E . -35.86 3.56 33.38
O3 MAN E . -37.44 5.71 32.85
O4 MAN E . -35.69 7.87 33.45
O5 MAN E . -33.28 5.22 32.73
O6 MAN E . -31.69 7.63 32.54
C1 NAG F . -7.51 -18.01 -11.16
C2 NAG F . -9.01 -17.96 -10.78
C3 NAG F . -9.75 -16.85 -11.54
C4 NAG F . -9.01 -15.53 -11.40
C5 NAG F . -7.60 -15.73 -11.92
C6 NAG F . -6.75 -14.48 -11.92
C7 NAG F . -9.78 -20.22 -10.13
C8 NAG F . -10.42 -21.47 -10.61
N2 NAG F . -9.63 -19.25 -11.05
O3 NAG F . -11.06 -16.74 -11.01
O4 NAG F . -9.69 -14.49 -12.09
O5 NAG F . -6.94 -16.68 -11.08
O6 NAG F . -5.88 -14.48 -10.81
O7 NAG F . -9.40 -20.07 -8.97
C1 NAG F . -10.43 -13.46 -11.55
C2 NAG F . -10.96 -12.21 -12.27
C3 NAG F . -11.41 -11.15 -11.26
C4 NAG F . -12.36 -11.74 -10.24
C5 NAG F . -11.71 -12.95 -9.58
C6 NAG F . -12.58 -13.64 -8.56
C7 NAG F . -9.59 -12.29 -14.31
C8 NAG F . -8.55 -11.58 -15.12
N2 NAG F . -9.97 -11.66 -13.18
O3 NAG F . -12.04 -10.08 -11.96
O4 NAG F . -12.72 -10.76 -9.25
O5 NAG F . -11.40 -13.92 -10.59
O6 NAG F . -11.80 -14.34 -7.60
O7 NAG F . -10.06 -13.36 -14.65
C1 MAN F . -13.48 -9.97 -8.42
C2 MAN F . -14.37 -8.79 -8.98
C3 MAN F . -15.38 -8.28 -7.91
C4 MAN F . -15.63 -9.32 -6.79
C5 MAN F . -14.29 -9.63 -6.06
C6 MAN F . -14.37 -10.85 -5.14
O2 MAN F . -15.15 -9.18 -10.13
O3 MAN F . -16.61 -7.86 -8.50
O4 MAN F . -16.57 -8.82 -5.86
O5 MAN F . -13.17 -9.82 -7.02
O6 MAN F . -15.70 -10.97 -4.62
C1 NAG G . 23.95 -8.83 -23.68
C2 NAG G . 24.47 -10.13 -24.34
C3 NAG G . 25.54 -10.77 -23.46
C4 NAG G . 26.64 -9.77 -23.16
C5 NAG G . 26.03 -8.58 -22.45
C6 NAG G . 27.02 -7.48 -22.11
C7 NAG G . 22.88 -11.35 -25.78
C8 NAG G . 21.80 -12.40 -25.81
N2 NAG G . 23.39 -11.09 -24.57
O3 NAG G . 26.03 -11.96 -24.07
O4 NAG G . 27.66 -10.37 -22.34
O5 NAG G . 25.06 -7.97 -23.32
O6 NAG G . 28.36 -7.86 -22.40
O7 NAG G . 23.27 -10.80 -26.79
C1 NAG G . 28.80 -11.04 -22.75
C2 NAG G . 29.80 -10.94 -21.59
C3 NAG G . 31.14 -11.55 -22.00
C4 NAG G . 30.95 -12.95 -22.55
C5 NAG G . 29.91 -12.94 -23.67
C6 NAG G . 29.59 -14.32 -24.19
C7 NAG G . 29.70 -9.14 -19.92
C8 NAG G . 29.93 -7.68 -19.66
N2 NAG G . 29.97 -9.56 -21.16
O3 NAG G . 31.99 -11.58 -20.85
O4 NAG G . 32.19 -13.47 -23.04
O5 NAG G . 28.69 -12.40 -23.18
O6 NAG G . 28.43 -14.30 -25.01
O7 NAG G . 29.28 -9.90 -19.06
C1 MAN G . 33.34 -14.10 -22.61
C2 MAN G . 34.00 -15.19 -23.50
C3 MAN G . 34.95 -16.11 -22.68
C4 MAN G . 35.30 -15.49 -21.30
C5 MAN G . 34.01 -15.27 -20.50
C6 MAN G . 34.21 -14.54 -19.15
O2 MAN G . 34.80 -14.61 -24.54
O3 MAN G . 36.13 -16.45 -23.39
O4 MAN G . 36.16 -16.36 -20.56
O5 MAN G . 32.99 -14.55 -21.30
O6 MAN G . 35.05 -13.40 -19.36
C1 MAN G . 36.25 -17.71 -23.94
C2 MAN G . 37.77 -17.64 -24.26
C3 MAN G . 38.01 -17.08 -25.69
C4 MAN G . 37.09 -17.77 -26.72
C5 MAN G . 35.64 -17.54 -26.28
C6 MAN G . 34.60 -18.05 -27.25
O2 MAN G . 38.36 -18.94 -24.24
O3 MAN G . 39.38 -17.17 -26.08
O4 MAN G . 37.28 -17.22 -28.02
O5 MAN G . 35.45 -18.20 -25.00
O6 MAN G . 33.33 -17.57 -26.81
CL CL H . 0.82 -2.26 17.45
CL CL I . 2.20 -16.39 -6.24
#